data_8FBL
#
_entry.id   8FBL
#
_cell.length_a   1.00
_cell.length_b   1.00
_cell.length_c   1.00
_cell.angle_alpha   90.00
_cell.angle_beta   90.00
_cell.angle_gamma   90.00
#
_symmetry.space_group_name_H-M   'P 1'
#
loop_
_entity.id
_entity.type
_entity.pdbx_description
1 polymer 'Proton-activated chloride channel'
2 non-polymer 2-acetamido-2-deoxy-beta-D-glucopyranose
3 non-polymer '[(2R)-2-octanoyloxy-3-[oxidanyl-[(1R,2R,3S,4R,5R,6S)-2,3,6-tris(oxidanyl)-4,5-diphosphonooxy-cyclohexyl]oxy-phosphoryl]oxy-propyl] octanoate'
#
_entity_poly.entity_id   1
_entity_poly.type   'polypeptide(L)'
_entity_poly.pdbx_seq_one_letter_code
;FSKACLKNVFSVLLIFIYLLLMAVAVFLVYRTITDFREKLKHPVMSVSYKEVDRYDAPGIALYPGQAQLLSCKHHYEVIP
PLTSPGQPGDMNCTTQRINYTDPFSNQTVKSALIVQGPREVKKRELVFLQFRLNKSSEDFSAIDYLLFSSFQEFLQSPNR
VGFMQACESAYSSWKFSGGFRTWVKMSLVKTKEEDGREAVEFRQETSVVNYIDQRPAAKKSAQLFFVVFEWKDPFIQKVQ
DIVTANPWNTIALLCGAFLALFKAAEFAKLSIKWMIKIRKRYL
;
_entity_poly.pdbx_strand_id   A,B,C
#
loop_
_chem_comp.id
_chem_comp.type
_chem_comp.name
_chem_comp.formula
NAG D-saccharide, beta linking 2-acetamido-2-deoxy-beta-D-glucopyranose 'C8 H15 N O6'
PIO non-polymer '[(2R)-2-octanoyloxy-3-[oxidanyl-[(1R,2R,3S,4R,5R,6S)-2,3,6-tris(oxidanyl)-4,5-diphosphonooxy-cyclohexyl]oxy-phosphoryl]oxy-propyl] octanoate' 'C25 H49 O19 P3'
#
# COMPACT_ATOMS: atom_id res chain seq x y z
N LEU A 6 13.45 -32.09 47.79
CA LEU A 6 13.50 -30.70 48.18
C LEU A 6 14.54 -29.93 47.37
N LYS A 7 15.71 -30.52 47.15
CA LYS A 7 16.73 -29.88 46.34
C LYS A 7 16.24 -29.68 44.91
N ASN A 8 15.56 -30.68 44.34
CA ASN A 8 15.06 -30.55 42.98
C ASN A 8 14.01 -29.47 42.86
N VAL A 9 13.07 -29.41 43.81
CA VAL A 9 12.01 -28.40 43.73
C VAL A 9 12.60 -27.00 43.95
N PHE A 10 13.58 -26.89 44.85
CA PHE A 10 14.23 -25.59 45.04
C PHE A 10 15.01 -25.18 43.80
N SER A 11 15.63 -26.15 43.11
CA SER A 11 16.32 -25.85 41.86
C SER A 11 15.33 -25.37 40.80
N VAL A 12 14.15 -25.98 40.73
CA VAL A 12 13.13 -25.52 39.78
C VAL A 12 12.68 -24.11 40.12
N LEU A 13 12.48 -23.83 41.41
CA LEU A 13 12.10 -22.48 41.83
C LEU A 13 13.18 -21.47 41.46
N LEU A 14 14.44 -21.84 41.65
CA LEU A 14 15.53 -20.94 41.30
C LEU A 14 15.64 -20.76 39.78
N ILE A 15 15.32 -21.80 39.01
CA ILE A 15 15.20 -21.66 37.57
C ILE A 15 14.16 -20.61 37.22
N PHE A 16 13.00 -20.68 37.87
CA PHE A 16 11.96 -19.69 37.61
C PHE A 16 12.43 -18.29 37.98
N ILE A 17 13.12 -18.16 39.12
CA ILE A 17 13.60 -16.84 39.56
C ILE A 17 14.59 -16.26 38.55
N TYR A 18 15.54 -17.08 38.10
CA TYR A 18 16.54 -16.59 37.16
C TYR A 18 15.94 -16.31 35.79
N LEU A 19 14.97 -17.12 35.34
CA LEU A 19 14.30 -16.82 34.08
C LEU A 19 13.54 -15.51 34.18
N LEU A 20 12.87 -15.26 35.31
CA LEU A 20 12.19 -13.99 35.52
C LEU A 20 13.18 -12.83 35.53
N LEU A 21 14.33 -13.02 36.17
CA LEU A 21 15.34 -11.96 36.20
C LEU A 21 15.87 -11.66 34.81
N MET A 22 16.12 -12.69 34.00
CA MET A 22 16.56 -12.47 32.62
C MET A 22 15.49 -11.76 31.82
N ALA A 23 14.22 -12.14 32.02
CA ALA A 23 13.13 -11.46 31.32
C ALA A 23 13.06 -9.99 31.72
N VAL A 24 13.24 -9.69 33.00
CA VAL A 24 13.21 -8.31 33.47
C VAL A 24 14.36 -7.52 32.85
N ALA A 25 15.56 -8.11 32.81
CA ALA A 25 16.70 -7.42 32.21
C ALA A 25 16.47 -7.14 30.73
N VAL A 26 15.96 -8.13 30.01
CA VAL A 26 15.67 -7.93 28.58
C VAL A 26 14.61 -6.86 28.39
N PHE A 27 13.57 -6.87 29.25
CA PHE A 27 12.54 -5.85 29.16
C PHE A 27 13.09 -4.46 29.42
N LEU A 28 13.98 -4.32 30.42
CA LEU A 28 14.57 -3.02 30.69
C LEU A 28 15.42 -2.54 29.52
N VAL A 29 16.21 -3.44 28.94
CA VAL A 29 17.03 -3.04 27.79
C VAL A 29 16.15 -2.64 26.61
N TYR A 30 15.08 -3.40 26.36
CA TYR A 30 14.17 -3.06 25.27
C TYR A 30 13.47 -1.73 25.52
N ARG A 31 13.08 -1.46 26.76
CA ARG A 31 12.46 -0.18 27.09
C ARG A 31 13.44 0.97 26.90
N THR A 32 14.71 0.76 27.26
CA THR A 32 15.72 1.78 27.02
C THR A 32 15.88 2.04 25.53
N ILE A 33 15.91 0.97 24.72
CA ILE A 33 16.03 1.13 23.27
C ILE A 33 14.83 1.89 22.71
N THR A 34 13.63 1.55 23.17
CA THR A 34 12.43 2.24 22.70
C THR A 34 12.43 3.72 23.10
N ASP A 35 12.85 4.01 24.34
CA ASP A 35 12.91 5.39 24.80
C ASP A 35 13.93 6.19 24.02
N PHE A 36 15.04 5.56 23.64
CA PHE A 36 16.02 6.27 22.82
C PHE A 36 15.52 6.47 21.39
N ARG A 37 14.77 5.50 20.87
CA ARG A 37 14.28 5.63 19.51
C ARG A 37 13.26 6.71 19.39
N GLU A 38 12.33 6.71 20.33
CA GLU A 38 11.22 7.66 20.21
C GLU A 38 11.69 9.10 20.20
N LYS A 39 12.92 9.37 20.65
CA LYS A 39 13.44 10.73 20.64
C LYS A 39 13.79 11.19 19.23
N LEU A 40 14.40 10.30 18.43
CA LEU A 40 14.82 10.69 17.09
C LEU A 40 13.61 10.87 16.18
N LYS A 41 13.76 11.76 15.20
CA LYS A 41 12.71 12.06 14.26
C LYS A 41 12.88 11.25 12.98
N HIS A 42 11.76 11.04 12.29
CA HIS A 42 11.70 10.32 11.03
C HIS A 42 12.30 8.92 11.13
N PRO A 43 11.69 8.02 11.89
CA PRO A 43 12.18 6.64 11.94
C PRO A 43 11.60 5.79 10.83
N VAL A 44 12.23 4.64 10.62
CA VAL A 44 11.73 3.68 9.64
C VAL A 44 10.49 2.99 10.22
N MET A 45 9.41 2.98 9.45
CA MET A 45 8.14 2.47 9.90
C MET A 45 7.73 1.26 9.07
N SER A 46 7.04 0.32 9.72
CA SER A 46 6.58 -0.90 9.07
C SER A 46 5.08 -0.82 8.82
N VAL A 47 4.58 -1.82 8.10
CA VAL A 47 3.18 -1.89 7.69
C VAL A 47 2.58 -3.18 8.23
N SER A 48 1.43 -3.07 8.89
CA SER A 48 0.70 -4.22 9.38
C SER A 48 -0.78 -4.05 9.05
N TYR A 49 -1.40 -5.10 8.53
CA TYR A 49 -2.81 -5.11 8.21
C TYR A 49 -3.57 -5.91 9.27
N LYS A 50 -4.83 -5.52 9.48
CA LYS A 50 -5.67 -6.20 10.47
C LYS A 50 -7.11 -6.12 9.99
N GLU A 51 -7.66 -7.26 9.58
CA GLU A 51 -9.04 -7.32 9.14
C GLU A 51 -9.99 -7.08 10.30
N VAL A 52 -11.07 -6.33 10.03
CA VAL A 52 -12.10 -6.04 11.01
C VAL A 52 -13.45 -6.49 10.46
N ASP A 53 -14.24 -7.15 11.31
CA ASP A 53 -15.56 -7.59 10.90
C ASP A 53 -16.46 -6.41 10.59
N ARG A 54 -16.40 -5.36 11.42
CA ARG A 54 -17.20 -4.17 11.22
C ARG A 54 -16.33 -2.94 11.42
N TYR A 55 -16.58 -1.92 10.61
CA TYR A 55 -15.83 -0.67 10.68
C TYR A 55 -16.47 0.26 11.70
N ASP A 56 -15.65 1.11 12.31
CA ASP A 56 -16.17 2.22 13.09
C ASP A 56 -16.74 3.27 12.15
N ALA A 57 -17.82 3.91 12.57
CA ALA A 57 -18.50 4.85 11.69
C ALA A 57 -17.61 6.06 11.42
N PRO A 58 -17.24 6.34 10.17
CA PRO A 58 -16.40 7.50 9.89
C PRO A 58 -17.22 8.77 9.75
N GLY A 59 -16.50 9.87 9.62
CA GLY A 59 -17.14 11.16 9.40
C GLY A 59 -16.78 11.75 8.06
N ILE A 60 -17.79 12.11 7.28
CA ILE A 60 -17.59 12.67 5.95
C ILE A 60 -18.00 14.14 6.02
N ALA A 61 -17.01 15.03 6.10
CA ALA A 61 -17.28 16.46 6.25
C ALA A 61 -17.38 17.09 4.87
N LEU A 62 -18.60 17.32 4.41
CA LEU A 62 -18.82 17.97 3.12
C LEU A 62 -18.64 19.48 3.25
N TYR A 63 -18.45 20.12 2.10
CA TYR A 63 -18.36 21.58 2.03
C TYR A 63 -19.26 22.08 0.90
N PRO A 64 -20.58 21.99 1.09
CA PRO A 64 -21.49 22.43 0.01
C PRO A 64 -21.37 23.90 -0.33
N GLY A 65 -21.06 24.75 0.64
CA GLY A 65 -21.07 26.18 0.41
C GLY A 65 -22.47 26.69 0.14
N GLN A 66 -22.71 27.16 -1.07
CA GLN A 66 -24.05 27.57 -1.46
C GLN A 66 -24.93 26.40 -1.86
N ALA A 67 -24.36 25.22 -2.10
CA ALA A 67 -25.14 24.06 -2.47
C ALA A 67 -26.00 23.58 -1.30
N GLN A 68 -27.17 23.05 -1.64
CA GLN A 68 -28.11 22.53 -0.65
C GLN A 68 -28.14 21.01 -0.74
N LEU A 69 -28.02 20.35 0.41
CA LEU A 69 -28.12 18.90 0.43
C LEU A 69 -29.52 18.47 0.02
N LEU A 70 -29.60 17.54 -0.92
CA LEU A 70 -30.87 17.15 -1.52
C LEU A 70 -31.43 15.86 -0.92
N SER A 71 -30.60 14.83 -0.77
CA SER A 71 -31.07 13.57 -0.22
C SER A 71 -29.89 12.78 0.31
N CYS A 72 -30.08 12.14 1.46
CA CYS A 72 -29.10 11.26 2.06
C CYS A 72 -29.79 9.95 2.44
N LYS A 73 -29.19 8.82 2.05
CA LYS A 73 -29.80 7.53 2.31
C LYS A 73 -28.71 6.47 2.35
N HIS A 74 -28.94 5.45 3.17
CA HIS A 74 -28.03 4.32 3.30
C HIS A 74 -28.54 3.16 2.44
N HIS A 75 -27.64 2.54 1.69
CA HIS A 75 -27.98 1.43 0.81
C HIS A 75 -26.97 0.32 0.97
N TYR A 76 -27.28 -0.84 0.39
CA TYR A 76 -26.45 -2.03 0.51
C TYR A 76 -26.13 -2.56 -0.89
N GLU A 77 -24.93 -2.24 -1.38
CA GLU A 77 -24.36 -2.85 -2.58
C GLU A 77 -25.14 -2.55 -3.84
N VAL A 78 -26.15 -1.68 -3.76
CA VAL A 78 -26.94 -1.33 -4.93
C VAL A 78 -27.58 0.03 -4.68
N ILE A 79 -27.72 0.81 -5.76
CA ILE A 79 -28.36 2.12 -5.73
C ILE A 79 -29.68 2.00 -6.50
N PRO A 80 -30.83 2.13 -5.83
CA PRO A 80 -32.10 2.11 -6.56
C PRO A 80 -32.19 3.32 -7.48
N PRO A 81 -32.90 3.19 -8.60
CA PRO A 81 -33.05 4.34 -9.50
C PRO A 81 -33.72 5.51 -8.81
N LEU A 82 -33.26 6.71 -9.14
CA LEU A 82 -33.78 7.92 -8.51
C LEU A 82 -35.24 8.14 -8.90
N THR A 83 -36.07 8.46 -7.91
CA THR A 83 -37.47 8.75 -8.18
C THR A 83 -37.62 10.00 -9.02
N SER A 84 -36.96 11.09 -8.61
CA SER A 84 -36.98 12.33 -9.37
C SER A 84 -35.73 13.13 -9.06
N PRO A 85 -34.82 13.30 -10.01
CA PRO A 85 -33.62 14.11 -9.76
C PRO A 85 -33.97 15.57 -9.54
N GLY A 86 -33.17 16.23 -8.70
CA GLY A 86 -33.38 17.63 -8.41
C GLY A 86 -34.48 17.92 -7.42
N GLN A 87 -35.02 16.91 -6.75
CA GLN A 87 -36.09 17.10 -5.79
C GLN A 87 -35.66 16.59 -4.42
N PRO A 88 -35.94 17.35 -3.36
CA PRO A 88 -35.55 16.91 -2.01
C PRO A 88 -36.40 15.76 -1.51
N GLY A 89 -36.12 15.31 -0.29
CA GLY A 89 -36.86 14.22 0.32
C GLY A 89 -36.00 12.99 0.52
N ASP A 90 -36.57 12.04 1.28
CA ASP A 90 -35.89 10.79 1.62
C ASP A 90 -34.54 11.05 2.28
N MET A 91 -34.50 12.03 3.18
CA MET A 91 -33.28 12.46 3.84
C MET A 91 -33.29 12.00 5.29
N ASN A 92 -32.44 11.04 5.63
CA ASN A 92 -32.20 10.70 7.03
C ASN A 92 -30.78 10.19 7.21
N CYS A 93 -29.88 11.11 7.54
CA CYS A 93 -28.51 10.78 7.92
C CYS A 93 -28.16 11.56 9.17
N THR A 94 -27.22 11.04 9.95
CA THR A 94 -26.79 11.73 11.16
C THR A 94 -25.85 12.85 10.74
N THR A 95 -26.43 14.00 10.44
CA THR A 95 -25.69 15.14 9.91
C THR A 95 -25.51 16.19 11.01
N GLN A 96 -24.27 16.63 11.21
CA GLN A 96 -23.95 17.68 12.15
C GLN A 96 -23.33 18.84 11.39
N ARG A 97 -23.88 20.03 11.58
CA ARG A 97 -23.42 21.22 10.87
C ARG A 97 -22.53 22.06 11.79
N ILE A 98 -21.27 22.22 11.39
CA ILE A 98 -20.34 23.08 12.11
C ILE A 98 -19.51 23.85 11.11
N ASN A 99 -19.17 25.09 11.46
CA ASN A 99 -18.33 25.93 10.61
C ASN A 99 -17.37 26.72 11.48
N TYR A 100 -16.17 26.95 10.95
CA TYR A 100 -15.03 27.40 11.74
C TYR A 100 -14.04 28.10 10.81
N THR A 101 -13.01 28.67 11.43
CA THR A 101 -11.96 29.35 10.68
C THR A 101 -10.97 28.35 10.10
N ASP A 102 -10.52 28.61 8.88
CA ASP A 102 -9.55 27.77 8.21
C ASP A 102 -8.21 27.87 8.92
N PRO A 103 -7.62 26.76 9.38
CA PRO A 103 -6.30 26.84 10.02
C PRO A 103 -5.22 27.37 9.09
N PHE A 104 -5.31 27.11 7.79
CA PHE A 104 -4.30 27.60 6.86
C PHE A 104 -4.45 29.10 6.63
N SER A 105 -5.62 29.53 6.15
CA SER A 105 -5.92 30.94 5.94
C SER A 105 -6.94 31.35 6.99
N ASN A 106 -6.49 32.08 8.00
CA ASN A 106 -7.34 32.44 9.13
C ASN A 106 -8.47 33.38 8.74
N GLN A 107 -8.40 34.02 7.57
CA GLN A 107 -9.37 35.04 7.19
C GLN A 107 -10.68 34.44 6.67
N THR A 108 -10.70 33.16 6.33
CA THR A 108 -11.86 32.54 5.72
C THR A 108 -12.46 31.50 6.65
N VAL A 109 -13.79 31.52 6.74
CA VAL A 109 -14.54 30.53 7.52
C VAL A 109 -15.18 29.55 6.54
N LYS A 110 -15.08 28.26 6.85
CA LYS A 110 -15.58 27.20 5.98
C LYS A 110 -16.71 26.47 6.67
N SER A 111 -17.81 26.25 5.93
CA SER A 111 -18.97 25.56 6.44
C SER A 111 -18.85 24.07 6.15
N ALA A 112 -18.84 23.25 7.20
CA ALA A 112 -18.64 21.82 7.07
C ALA A 112 -19.92 21.08 7.45
N LEU A 113 -20.33 20.17 6.58
CA LEU A 113 -21.47 19.28 6.84
C LEU A 113 -20.92 17.87 7.02
N ILE A 114 -20.97 17.37 8.25
CA ILE A 114 -20.42 16.07 8.60
C ILE A 114 -21.54 15.04 8.56
N VAL A 115 -21.33 13.96 7.80
CA VAL A 115 -22.32 12.91 7.63
C VAL A 115 -21.70 11.60 8.10
N GLN A 116 -22.43 10.86 8.92
CA GLN A 116 -21.95 9.56 9.39
C GLN A 116 -21.79 8.60 8.22
N GLY A 117 -20.63 7.97 8.15
CA GLY A 117 -20.31 7.09 7.04
C GLY A 117 -20.76 5.66 7.26
N PRO A 118 -20.62 4.83 6.24
CA PRO A 118 -21.00 3.42 6.37
C PRO A 118 -20.05 2.68 7.30
N ARG A 119 -20.57 1.62 7.92
CA ARG A 119 -19.78 0.83 8.86
C ARG A 119 -19.82 -0.67 8.61
N GLU A 120 -20.84 -1.20 7.95
CA GLU A 120 -20.89 -2.63 7.62
C GLU A 120 -20.21 -2.85 6.28
N VAL A 121 -18.89 -3.08 6.33
CA VAL A 121 -18.15 -3.33 5.10
C VAL A 121 -18.53 -4.69 4.51
N LYS A 122 -18.81 -5.67 5.36
CA LYS A 122 -19.14 -7.01 4.87
C LYS A 122 -20.41 -7.00 4.04
N LYS A 123 -21.38 -6.19 4.42
CA LYS A 123 -22.64 -6.07 3.69
C LYS A 123 -22.57 -5.06 2.55
N ARG A 124 -21.40 -4.47 2.31
CA ARG A 124 -21.21 -3.47 1.26
C ARG A 124 -22.15 -2.28 1.46
N GLU A 125 -22.29 -1.84 2.70
CA GLU A 125 -23.10 -0.68 3.00
C GLU A 125 -22.47 0.57 2.40
N LEU A 126 -23.31 1.47 1.88
CA LEU A 126 -22.82 2.68 1.24
C LEU A 126 -23.82 3.81 1.50
N VAL A 127 -23.31 5.04 1.42
CA VAL A 127 -24.10 6.24 1.68
C VAL A 127 -24.15 7.05 0.39
N PHE A 128 -25.36 7.43 -0.02
CA PHE A 128 -25.59 8.17 -1.25
C PHE A 128 -26.05 9.58 -0.92
N LEU A 129 -25.38 10.57 -1.51
CA LEU A 129 -25.67 11.98 -1.25
C LEU A 129 -26.00 12.68 -2.56
N GLN A 130 -26.92 13.65 -2.48
CA GLN A 130 -27.30 14.46 -3.62
C GLN A 130 -27.25 15.93 -3.23
N PHE A 131 -26.75 16.77 -4.14
CA PHE A 131 -26.64 18.19 -3.92
C PHE A 131 -27.18 18.95 -5.12
N ARG A 132 -27.64 20.17 -4.86
CA ARG A 132 -28.22 21.01 -5.90
C ARG A 132 -27.67 22.42 -5.77
N LEU A 133 -27.52 23.09 -6.91
CA LEU A 133 -27.00 24.46 -6.94
C LEU A 133 -27.65 25.18 -8.11
N ASN A 134 -28.54 26.14 -7.83
CA ASN A 134 -29.22 26.86 -8.91
C ASN A 134 -28.26 27.76 -9.65
N LYS A 135 -27.69 28.74 -8.96
CA LYS A 135 -26.79 29.71 -9.57
C LYS A 135 -25.41 29.57 -8.97
N SER A 136 -24.39 29.53 -9.81
CA SER A 136 -23.01 29.41 -9.37
C SER A 136 -22.13 30.30 -10.23
N SER A 137 -21.19 31.00 -9.57
CA SER A 137 -20.21 31.84 -10.25
C SER A 137 -18.84 31.25 -9.92
N GLU A 138 -18.42 30.26 -10.69
CA GLU A 138 -17.15 29.58 -10.47
C GLU A 138 -16.78 28.82 -11.73
N ASP A 139 -15.49 28.73 -11.99
CA ASP A 139 -15.02 28.03 -13.18
C ASP A 139 -15.17 26.52 -13.04
N PHE A 140 -14.97 26.01 -11.84
CA PHE A 140 -15.05 24.56 -11.58
C PHE A 140 -16.10 24.30 -10.53
N SER A 141 -16.96 23.32 -10.79
CA SER A 141 -18.03 22.94 -9.88
C SER A 141 -17.59 21.70 -9.12
N ALA A 142 -17.31 21.87 -7.83
CA ALA A 142 -16.88 20.76 -6.99
C ALA A 142 -17.19 21.09 -5.54
N ILE A 143 -17.24 20.04 -4.72
CA ILE A 143 -17.45 20.17 -3.29
C ILE A 143 -16.32 19.47 -2.57
N ASP A 144 -15.66 20.20 -1.66
CA ASP A 144 -14.59 19.61 -0.88
C ASP A 144 -15.15 18.64 0.15
N TYR A 145 -14.36 17.62 0.46
CA TYR A 145 -14.74 16.69 1.53
C TYR A 145 -13.47 16.05 2.07
N LEU A 146 -13.44 15.83 3.38
CA LEU A 146 -12.36 15.12 4.04
C LEU A 146 -12.94 14.08 4.99
N LEU A 147 -12.16 13.04 5.24
CA LEU A 147 -12.59 11.91 6.03
C LEU A 147 -11.71 11.80 7.26
N PHE A 148 -12.32 11.67 8.43
CA PHE A 148 -11.59 11.43 9.67
C PHE A 148 -11.98 10.08 10.25
N SER A 149 -11.28 9.69 11.32
CA SER A 149 -11.32 8.30 11.78
C SER A 149 -12.70 7.88 12.23
N SER A 150 -13.32 8.65 13.13
CA SER A 150 -14.58 8.23 13.73
C SER A 150 -15.52 9.41 13.88
N PHE A 151 -16.79 9.17 13.57
CA PHE A 151 -17.82 10.19 13.78
C PHE A 151 -18.13 10.36 15.26
N GLN A 152 -18.09 9.25 16.02
CA GLN A 152 -18.40 9.33 17.45
C GLN A 152 -17.41 10.21 18.19
N GLU A 153 -16.13 10.13 17.83
CA GLU A 153 -15.13 10.97 18.47
C GLU A 153 -15.43 12.44 18.27
N PHE A 154 -15.80 12.82 17.04
CA PHE A 154 -16.17 14.21 16.79
C PHE A 154 -17.44 14.58 17.55
N LEU A 155 -18.41 13.67 17.62
CA LEU A 155 -19.68 13.98 18.26
C LEU A 155 -19.50 14.29 19.74
N GLN A 156 -18.64 13.53 20.43
CA GLN A 156 -18.42 13.69 21.85
C GLN A 156 -17.15 14.50 22.16
N SER A 157 -16.53 15.10 21.16
CA SER A 157 -15.32 15.88 21.39
C SER A 157 -15.64 17.11 22.23
N PRO A 158 -14.76 17.49 23.16
CA PRO A 158 -15.02 18.71 23.95
C PRO A 158 -14.79 19.99 23.15
N ASN A 159 -13.73 20.04 22.35
CA ASN A 159 -13.41 21.19 21.53
C ASN A 159 -13.68 20.81 20.07
N ARG A 160 -14.89 21.10 19.61
CA ARG A 160 -15.28 20.72 18.26
C ARG A 160 -14.45 21.45 17.21
N VAL A 161 -14.20 22.75 17.42
CA VAL A 161 -13.49 23.53 16.41
C VAL A 161 -12.07 23.02 16.23
N GLY A 162 -11.38 22.74 17.33
CA GLY A 162 -10.02 22.27 17.23
C GLY A 162 -9.92 20.91 16.56
N PHE A 163 -10.90 20.04 16.81
CA PHE A 163 -10.90 18.73 16.18
C PHE A 163 -11.00 18.85 14.66
N MET A 164 -11.86 19.75 14.18
CA MET A 164 -11.98 19.93 12.74
C MET A 164 -10.70 20.52 12.14
N GLN A 165 -10.05 21.43 12.86
CA GLN A 165 -8.78 21.97 12.37
C GLN A 165 -7.72 20.88 12.30
N ALA A 166 -7.67 19.99 13.30
CA ALA A 166 -6.75 18.87 13.26
C ALA A 166 -7.05 17.95 12.08
N CYS A 167 -8.35 17.73 11.80
CA CYS A 167 -8.72 16.94 10.64
C CYS A 167 -8.27 17.62 9.34
N GLU A 168 -8.40 18.93 9.26
CA GLU A 168 -7.90 19.66 8.10
C GLU A 168 -6.40 19.48 7.96
N SER A 169 -5.68 19.45 9.08
CA SER A 169 -4.24 19.18 9.02
C SER A 169 -3.96 17.79 8.46
N ALA A 170 -4.85 16.83 8.71
CA ALA A 170 -4.67 15.50 8.16
C ALA A 170 -4.84 15.51 6.65
N TYR A 171 -4.11 14.63 5.96
CA TYR A 171 -4.11 14.57 4.49
C TYR A 171 -5.13 13.67 3.86
N SER A 172 -6.39 14.01 4.03
CA SER A 172 -7.49 13.18 3.54
C SER A 172 -8.56 14.00 2.83
N SER A 173 -8.16 15.08 2.16
CA SER A 173 -9.10 15.97 1.48
C SER A 173 -9.12 15.68 -0.01
N TRP A 174 -10.32 15.65 -0.58
CA TRP A 174 -10.49 15.39 -2.01
C TRP A 174 -11.65 16.25 -2.51
N LYS A 175 -12.05 15.99 -3.76
CA LYS A 175 -13.17 16.68 -4.39
C LYS A 175 -13.93 15.68 -5.25
N PHE A 176 -15.21 16.00 -5.50
CA PHE A 176 -15.98 15.26 -6.49
C PHE A 176 -16.67 16.24 -7.42
N SER A 177 -16.74 15.87 -8.69
CA SER A 177 -17.18 16.78 -9.74
C SER A 177 -18.69 16.97 -9.70
N GLY A 178 -19.16 17.92 -10.51
CA GLY A 178 -20.57 18.18 -10.68
C GLY A 178 -21.07 17.54 -11.97
N GLY A 179 -22.31 17.04 -11.92
CA GLY A 179 -22.85 16.31 -13.03
C GLY A 179 -22.34 14.89 -13.16
N PHE A 180 -21.60 14.40 -12.16
CA PHE A 180 -21.09 13.04 -12.16
C PHE A 180 -21.38 12.41 -10.80
N ARG A 181 -21.55 11.09 -10.80
CA ARG A 181 -21.68 10.32 -9.57
C ARG A 181 -20.36 9.60 -9.33
N THR A 182 -19.64 10.01 -8.30
CA THR A 182 -18.33 9.46 -7.99
C THR A 182 -18.47 8.44 -6.87
N TRP A 183 -18.07 7.20 -7.13
CA TRP A 183 -18.05 6.15 -6.12
C TRP A 183 -16.71 6.19 -5.41
N VAL A 184 -16.72 6.52 -4.12
CA VAL A 184 -15.50 6.66 -3.34
C VAL A 184 -15.33 5.41 -2.48
N LYS A 185 -14.27 4.65 -2.76
CA LYS A 185 -13.94 3.47 -1.98
C LYS A 185 -12.79 3.86 -1.04
N MET A 186 -13.14 4.25 0.18
CA MET A 186 -12.17 4.76 1.13
C MET A 186 -11.49 3.62 1.88
N SER A 187 -10.20 3.78 2.13
CA SER A 187 -9.41 2.83 2.90
C SER A 187 -8.81 3.54 4.10
N LEU A 188 -8.74 2.83 5.23
CA LEU A 188 -8.27 3.41 6.48
C LEU A 188 -6.80 3.10 6.67
N VAL A 189 -6.00 4.13 6.97
CA VAL A 189 -4.59 3.99 7.24
C VAL A 189 -4.31 4.66 8.58
N LYS A 190 -3.87 3.89 9.56
CA LYS A 190 -3.54 4.40 10.88
C LYS A 190 -2.03 4.41 11.05
N THR A 191 -1.47 5.57 11.37
CA THR A 191 -0.06 5.71 11.66
C THR A 191 0.11 6.17 13.10
N LYS A 192 1.00 5.51 13.83
CA LYS A 192 1.25 5.83 15.23
C LYS A 192 2.53 6.65 15.33
N GLU A 193 2.41 7.87 15.84
CA GLU A 193 3.57 8.74 16.01
C GLU A 193 4.37 8.31 17.23
N GLU A 194 5.60 8.81 17.31
CA GLU A 194 6.46 8.48 18.44
C GLU A 194 5.93 9.05 19.74
N ASP A 195 5.26 10.22 19.68
CA ASP A 195 4.72 10.82 20.89
C ASP A 195 3.61 9.97 21.50
N GLY A 196 2.90 9.20 20.69
CA GLY A 196 1.87 8.32 21.21
C GLY A 196 0.55 8.43 20.47
N ARG A 197 0.26 9.59 19.89
CA ARG A 197 -0.99 9.77 19.17
C ARG A 197 -0.99 8.97 17.88
N GLU A 198 -2.18 8.56 17.45
CA GLU A 198 -2.36 7.74 16.25
C GLU A 198 -3.05 8.58 15.20
N ALA A 199 -2.26 9.19 14.32
CA ALA A 199 -2.82 9.94 13.21
C ALA A 199 -3.50 9.00 12.22
N VAL A 200 -4.59 9.46 11.62
CA VAL A 200 -5.38 8.65 10.71
C VAL A 200 -5.52 9.39 9.39
N GLU A 201 -5.22 8.70 8.28
CA GLU A 201 -5.38 9.25 6.96
C GLU A 201 -6.08 8.21 6.08
N PHE A 202 -6.72 8.69 5.03
CA PHE A 202 -7.55 7.84 4.17
C PHE A 202 -6.95 7.72 2.78
N ARG A 203 -7.26 6.60 2.13
CA ARG A 203 -6.93 6.37 0.73
C ARG A 203 -8.21 6.02 0.00
N GLN A 204 -8.37 6.59 -1.20
CA GLN A 204 -9.61 6.44 -1.95
C GLN A 204 -9.33 5.95 -3.37
N GLU A 205 -10.34 5.32 -3.96
CA GLU A 205 -10.30 4.87 -5.36
C GLU A 205 -11.61 5.30 -6.00
N THR A 206 -11.62 6.49 -6.57
CA THR A 206 -12.84 7.04 -7.15
C THR A 206 -13.21 6.32 -8.44
N SER A 207 -14.50 6.34 -8.76
CA SER A 207 -15.04 5.79 -10.01
C SER A 207 -16.04 6.81 -10.54
N VAL A 208 -15.56 7.72 -11.38
CA VAL A 208 -16.40 8.80 -11.90
C VAL A 208 -17.34 8.23 -12.95
N VAL A 209 -18.63 8.52 -12.79
CA VAL A 209 -19.66 8.05 -13.70
C VAL A 209 -20.48 9.24 -14.19
N ASN A 210 -20.62 9.37 -15.50
CA ASN A 210 -21.40 10.46 -16.06
C ASN A 210 -22.88 10.31 -15.70
N TYR A 211 -23.55 11.44 -15.56
CA TYR A 211 -24.97 11.47 -15.20
C TYR A 211 -25.74 12.03 -16.39
N ILE A 212 -26.71 11.26 -16.87
CA ILE A 212 -27.56 11.65 -17.98
C ILE A 212 -28.86 12.21 -17.42
N ASP A 213 -29.22 13.43 -17.83
CA ASP A 213 -30.38 14.12 -17.31
C ASP A 213 -31.42 14.28 -18.42
N GLN A 214 -32.63 13.80 -18.15
CA GLN A 214 -33.77 13.97 -19.05
C GLN A 214 -34.70 15.08 -18.60
N ARG A 215 -34.28 15.89 -17.62
CA ARG A 215 -35.12 16.95 -17.09
C ARG A 215 -35.30 18.05 -18.14
N PRO A 216 -36.37 18.84 -18.02
CA PRO A 216 -36.62 19.90 -19.00
C PRO A 216 -35.49 20.91 -19.05
N ALA A 217 -35.32 21.53 -20.22
CA ALA A 217 -34.23 22.46 -20.44
C ALA A 217 -34.30 23.68 -19.53
N ALA A 218 -35.47 23.97 -18.96
CA ALA A 218 -35.59 25.10 -18.05
C ALA A 218 -34.74 24.91 -16.80
N LYS A 219 -34.72 23.69 -16.26
CA LYS A 219 -33.98 23.38 -15.04
C LYS A 219 -32.56 22.94 -15.30
N LYS A 220 -32.11 22.93 -16.56
CA LYS A 220 -30.75 22.51 -16.87
C LYS A 220 -29.70 23.46 -16.32
N SER A 221 -30.09 24.70 -15.98
CA SER A 221 -29.12 25.64 -15.43
C SER A 221 -28.55 25.15 -14.11
N ALA A 222 -29.40 24.61 -13.24
CA ALA A 222 -28.92 24.06 -11.98
C ALA A 222 -28.14 22.78 -12.23
N GLN A 223 -27.10 22.55 -11.43
CA GLN A 223 -26.24 21.40 -11.56
C GLN A 223 -26.38 20.51 -10.32
N LEU A 224 -26.41 19.20 -10.54
CA LEU A 224 -26.65 18.22 -9.49
C LEU A 224 -25.36 17.48 -9.18
N PHE A 225 -25.06 17.34 -7.90
CA PHE A 225 -23.85 16.65 -7.45
C PHE A 225 -24.24 15.33 -6.79
N PHE A 226 -23.56 14.26 -7.19
CA PHE A 226 -23.80 12.94 -6.63
C PHE A 226 -22.49 12.35 -6.15
N VAL A 227 -22.53 11.67 -5.00
CA VAL A 227 -21.35 11.02 -4.44
C VAL A 227 -21.79 9.81 -3.64
N VAL A 228 -20.98 8.76 -3.67
CA VAL A 228 -21.23 7.52 -2.94
C VAL A 228 -19.97 7.17 -2.18
N PHE A 229 -20.12 6.87 -0.89
CA PHE A 229 -19.01 6.52 -0.02
C PHE A 229 -19.17 5.08 0.43
N GLU A 230 -18.08 4.31 0.34
CA GLU A 230 -18.11 2.89 0.68
C GLU A 230 -16.71 2.46 1.09
N TRP A 231 -16.65 1.50 2.01
CA TRP A 231 -15.38 0.92 2.41
C TRP A 231 -14.91 -0.07 1.36
N LYS A 232 -13.67 0.09 0.91
CA LYS A 232 -13.14 -0.78 -0.14
C LYS A 232 -12.94 -2.21 0.37
N ASP A 233 -12.28 -2.35 1.51
CA ASP A 233 -11.96 -3.67 2.05
C ASP A 233 -11.93 -3.59 3.56
N PRO A 234 -12.20 -4.70 4.26
CA PRO A 234 -12.18 -4.66 5.73
C PRO A 234 -10.80 -4.45 6.31
N PHE A 235 -9.73 -4.68 5.55
CA PHE A 235 -8.38 -4.57 6.09
C PHE A 235 -8.05 -3.12 6.40
N ILE A 236 -7.40 -2.91 7.55
CA ILE A 236 -6.99 -1.59 8.00
C ILE A 236 -5.47 -1.57 8.02
N GLN A 237 -4.88 -0.65 7.26
CA GLN A 237 -3.42 -0.52 7.23
C GLN A 237 -2.94 0.22 8.46
N LYS A 238 -1.99 -0.39 9.18
CA LYS A 238 -1.42 0.21 10.38
C LYS A 238 0.06 0.43 10.17
N VAL A 239 0.52 1.65 10.45
CA VAL A 239 1.91 2.04 10.27
C VAL A 239 2.49 2.40 11.63
N GLN A 240 3.61 1.79 11.97
CA GLN A 240 4.24 1.99 13.27
C GLN A 240 5.74 1.83 13.11
N ASP A 241 6.47 2.32 14.12
CA ASP A 241 7.92 2.20 14.10
C ASP A 241 8.31 0.72 14.03
N ILE A 242 9.34 0.43 13.24
CA ILE A 242 9.68 -0.96 12.94
C ILE A 242 10.09 -1.70 14.21
N VAL A 243 10.77 -1.02 15.13
CA VAL A 243 11.16 -1.66 16.38
C VAL A 243 9.93 -1.89 17.27
N THR A 244 9.07 -0.88 17.38
CA THR A 244 7.92 -0.97 18.28
C THR A 244 6.80 -1.84 17.70
N ALA A 245 6.65 -1.86 16.38
CA ALA A 245 5.55 -2.60 15.78
C ALA A 245 5.62 -4.09 16.08
N ASN A 246 6.82 -4.67 16.00
CA ASN A 246 7.04 -6.09 16.29
C ASN A 246 8.15 -6.18 17.33
N PRO A 247 7.83 -5.98 18.60
CA PRO A 247 8.87 -6.02 19.63
C PRO A 247 9.52 -7.38 19.79
N TRP A 248 8.89 -8.45 19.32
CA TRP A 248 9.46 -9.78 19.49
C TRP A 248 10.78 -9.94 18.77
N ASN A 249 10.95 -9.27 17.63
CA ASN A 249 12.24 -9.32 16.93
C ASN A 249 13.34 -8.69 17.78
N THR A 250 13.05 -7.54 18.39
CA THR A 250 14.04 -6.89 19.24
C THR A 250 14.33 -7.73 20.48
N ILE A 251 13.30 -8.36 21.05
CA ILE A 251 13.51 -9.22 22.20
C ILE A 251 14.39 -10.41 21.84
N ALA A 252 14.13 -11.03 20.68
CA ALA A 252 14.96 -12.15 20.24
C ALA A 252 16.40 -11.71 20.01
N LEU A 253 16.60 -10.56 19.39
CA LEU A 253 17.95 -10.06 19.16
C LEU A 253 18.67 -9.78 20.47
N LEU A 254 17.98 -9.19 21.44
CA LEU A 254 18.60 -8.90 22.73
C LEU A 254 18.94 -10.18 23.49
N CYS A 255 18.05 -11.18 23.45
CA CYS A 255 18.35 -12.45 24.08
C CYS A 255 19.54 -13.12 23.43
N GLY A 256 19.61 -13.08 22.09
CA GLY A 256 20.76 -13.62 21.40
C GLY A 256 22.05 -12.92 21.77
N ALA A 257 21.99 -11.58 21.90
CA ALA A 257 23.19 -10.83 22.28
C ALA A 257 23.64 -11.18 23.69
N PHE A 258 22.70 -11.28 24.63
CA PHE A 258 23.07 -11.63 26.00
C PHE A 258 23.63 -13.05 26.08
N LEU A 259 23.02 -13.99 25.35
CA LEU A 259 23.55 -15.35 25.34
C LEU A 259 24.93 -15.41 24.69
N ALA A 260 25.15 -14.61 23.65
CA ALA A 260 26.47 -14.53 23.04
C ALA A 260 27.49 -13.96 24.03
N LEU A 261 27.10 -12.96 24.81
CA LEU A 261 27.99 -12.41 25.82
C LEU A 261 28.33 -13.46 26.87
N PHE A 262 27.33 -14.23 27.31
CA PHE A 262 27.60 -15.28 28.29
C PHE A 262 28.50 -16.36 27.72
N LYS A 263 28.28 -16.73 26.45
CA LYS A 263 29.16 -17.70 25.80
C LYS A 263 30.58 -17.17 25.69
N ALA A 264 30.73 -15.88 25.41
CA ALA A 264 32.06 -15.27 25.39
C ALA A 264 32.71 -15.30 26.76
N ALA A 265 31.91 -15.09 27.81
CA ALA A 265 32.44 -15.19 29.17
C ALA A 265 32.93 -16.60 29.45
N GLU A 266 32.16 -17.61 29.05
CA GLU A 266 32.59 -19.00 29.24
C GLU A 266 33.86 -19.29 28.44
N PHE A 267 33.93 -18.78 27.22
CA PHE A 267 35.11 -18.99 26.38
C PHE A 267 36.33 -18.35 27.02
N ALA A 268 36.18 -17.14 27.58
CA ALA A 268 37.30 -16.50 28.26
C ALA A 268 37.73 -17.28 29.49
N LYS A 269 36.76 -17.79 30.25
CA LYS A 269 37.10 -18.57 31.43
C LYS A 269 37.86 -19.84 31.06
N LEU A 270 37.50 -20.47 29.94
CA LEU A 270 38.23 -21.64 29.49
C LEU A 270 39.61 -21.26 28.95
N SER A 271 39.68 -20.16 28.20
CA SER A 271 40.93 -19.79 27.53
C SER A 271 41.98 -19.32 28.51
N ILE A 272 41.57 -18.60 29.57
CA ILE A 272 42.54 -18.17 30.56
C ILE A 272 43.14 -19.38 31.28
N LYS A 273 42.32 -20.38 31.60
CA LYS A 273 42.83 -21.61 32.20
C LYS A 273 43.78 -22.32 31.24
N TRP A 274 43.41 -22.39 29.96
CA TRP A 274 44.25 -23.08 28.98
C TRP A 274 45.60 -22.39 28.85
N MET A 275 45.61 -21.05 28.75
CA MET A 275 46.88 -20.35 28.60
C MET A 275 47.70 -20.39 29.88
N ILE A 276 47.05 -20.38 31.05
CA ILE A 276 47.79 -20.54 32.30
C ILE A 276 48.46 -21.90 32.36
N LYS A 277 47.74 -22.94 31.95
CA LYS A 277 48.33 -24.28 31.92
C LYS A 277 49.48 -24.35 30.93
N ILE A 278 49.33 -23.71 29.76
CA ILE A 278 50.39 -23.72 28.76
C ILE A 278 51.62 -23.00 29.29
N ARG A 279 51.43 -21.86 29.95
CA ARG A 279 52.56 -21.12 30.51
C ARG A 279 53.24 -21.92 31.62
N LYS A 280 52.47 -22.58 32.46
CA LYS A 280 53.05 -23.39 33.52
C LYS A 280 53.85 -24.55 32.95
N ARG A 281 53.33 -25.21 31.91
CA ARG A 281 54.08 -26.29 31.28
C ARG A 281 55.35 -25.78 30.63
N TYR A 282 55.27 -24.64 29.94
CA TYR A 282 56.47 -24.08 29.30
C TYR A 282 57.45 -23.54 30.33
N LEU A 283 56.94 -22.87 31.36
CA LEU A 283 57.79 -22.29 32.39
C LEU A 283 57.03 -22.16 33.71
N LEU B 6 37.96 -42.40 16.00
CA LEU B 6 36.62 -42.95 16.15
C LEU B 6 35.79 -42.15 17.14
N LYS B 7 36.39 -41.76 18.26
CA LYS B 7 35.69 -40.94 19.23
C LYS B 7 35.30 -39.59 18.64
N ASN B 8 36.21 -38.97 17.88
CA ASN B 8 35.91 -37.68 17.27
C ASN B 8 34.77 -37.78 16.25
N VAL B 9 34.80 -38.80 15.40
CA VAL B 9 33.76 -38.94 14.39
C VAL B 9 32.41 -39.28 15.05
N PHE B 10 32.45 -40.08 16.11
CA PHE B 10 31.20 -40.37 16.83
C PHE B 10 30.68 -39.11 17.51
N SER B 11 31.57 -38.27 18.03
CA SER B 11 31.15 -37.00 18.62
C SER B 11 30.50 -36.10 17.57
N VAL B 12 31.08 -36.07 16.37
CA VAL B 12 30.48 -35.27 15.29
C VAL B 12 29.10 -35.81 14.93
N LEU B 13 28.97 -37.14 14.85
CA LEU B 13 27.66 -37.73 14.56
C LEU B 13 26.65 -37.39 15.65
N LEU B 14 27.07 -37.43 16.92
CA LEU B 14 26.18 -37.08 18.01
C LEU B 14 25.82 -35.60 18.00
N ILE B 15 26.76 -34.75 17.57
CA ILE B 15 26.45 -33.34 17.34
C ILE B 15 25.33 -33.21 16.32
N PHE B 16 25.44 -33.95 15.21
CA PHE B 16 24.40 -33.90 14.19
C PHE B 16 23.06 -34.38 14.75
N ILE B 17 23.08 -35.46 15.55
CA ILE B 17 21.85 -36.01 16.11
C ILE B 17 21.19 -34.99 17.03
N TYR B 18 21.98 -34.37 17.91
CA TYR B 18 21.40 -33.40 18.85
C TYR B 18 20.94 -32.13 18.15
N LEU B 19 21.67 -31.68 17.12
CA LEU B 19 21.20 -30.53 16.35
C LEU B 19 19.88 -30.84 15.66
N LEU B 20 19.75 -32.05 15.10
CA LEU B 20 18.49 -32.46 14.50
C LEU B 20 17.37 -32.52 15.53
N LEU B 21 17.67 -33.03 16.72
CA LEU B 21 16.67 -33.10 17.78
C LEU B 21 16.21 -31.70 18.19
N MET B 22 17.16 -30.77 18.33
CA MET B 22 16.79 -29.40 18.66
C MET B 22 15.94 -28.78 17.56
N ALA B 23 16.30 -29.03 16.30
CA ALA B 23 15.51 -28.52 15.19
C ALA B 23 14.10 -29.08 15.21
N VAL B 24 13.96 -30.38 15.51
CA VAL B 24 12.65 -31.00 15.59
C VAL B 24 11.82 -30.38 16.71
N ALA B 25 12.45 -30.16 17.87
CA ALA B 25 11.73 -29.55 18.99
C ALA B 25 11.27 -28.14 18.65
N VAL B 26 12.15 -27.35 18.03
CA VAL B 26 11.77 -25.99 17.64
C VAL B 26 10.65 -26.03 16.61
N PHE B 27 10.72 -26.95 15.66
CA PHE B 27 9.67 -27.08 14.65
C PHE B 27 8.34 -27.45 15.29
N LEU B 28 8.35 -28.36 16.26
CA LEU B 28 7.11 -28.74 16.92
C LEU B 28 6.53 -27.56 17.70
N VAL B 29 7.37 -26.80 18.39
CA VAL B 29 6.87 -25.65 19.13
C VAL B 29 6.30 -24.61 18.18
N TYR B 30 6.98 -24.37 17.06
CA TYR B 30 6.49 -23.41 16.08
C TYR B 30 5.17 -23.87 15.46
N ARG B 31 5.04 -25.17 15.19
CA ARG B 31 3.80 -25.69 14.64
C ARG B 31 2.66 -25.54 15.65
N THR B 32 2.95 -25.77 16.94
CA THR B 32 1.95 -25.56 17.96
C THR B 32 1.52 -24.10 18.02
N ILE B 33 2.48 -23.18 17.94
CA ILE B 33 2.16 -21.75 17.94
C ILE B 33 1.30 -21.40 16.73
N THR B 34 1.65 -21.92 15.56
CA THR B 34 0.86 -21.63 14.36
C THR B 34 -0.54 -22.20 14.46
N ASP B 35 -0.68 -23.41 14.99
CA ASP B 35 -1.99 -24.02 15.14
C ASP B 35 -2.84 -23.25 16.13
N PHE B 36 -2.23 -22.70 17.18
CA PHE B 36 -2.99 -21.89 18.12
C PHE B 36 -3.38 -20.56 17.50
N ARG B 37 -2.51 -19.99 16.68
CA ARG B 37 -2.81 -18.71 16.07
C ARG B 37 -3.93 -18.80 15.10
N GLU B 38 -3.85 -19.80 14.25
CA GLU B 38 -4.83 -19.89 13.18
C GLU B 38 -6.26 -20.01 13.70
N LYS B 39 -6.42 -20.38 14.98
CA LYS B 39 -7.76 -20.48 15.54
C LYS B 39 -8.37 -19.11 15.80
N LEU B 40 -7.57 -18.17 16.30
CA LEU B 40 -8.10 -16.85 16.63
C LEU B 40 -8.43 -16.07 15.36
N LYS B 41 -9.42 -15.19 15.45
CA LYS B 41 -9.87 -14.39 14.35
C LYS B 41 -9.21 -13.01 14.38
N HIS B 42 -9.12 -12.40 13.20
CA HIS B 42 -8.55 -11.07 13.01
C HIS B 42 -7.14 -10.97 13.55
N PRO B 43 -6.16 -11.67 12.96
CA PRO B 43 -4.78 -11.52 13.40
C PRO B 43 -4.09 -10.36 12.70
N VAL B 44 -2.95 -9.97 13.26
CA VAL B 44 -2.12 -8.94 12.63
C VAL B 44 -1.42 -9.54 11.42
N MET B 45 -1.53 -8.86 10.29
CA MET B 45 -1.01 -9.37 9.03
C MET B 45 0.08 -8.44 8.50
N SER B 46 1.06 -9.04 7.83
CA SER B 46 2.18 -8.30 7.27
C SER B 46 2.03 -8.18 5.76
N VAL B 47 2.92 -7.39 5.16
CA VAL B 47 2.89 -7.12 3.73
C VAL B 47 4.22 -7.55 3.11
N SER B 48 4.14 -8.31 2.02
CA SER B 48 5.32 -8.73 1.30
C SER B 48 5.07 -8.56 -0.20
N TYR B 49 6.03 -7.97 -0.90
CA TYR B 49 5.95 -7.78 -2.34
C TYR B 49 6.84 -8.80 -3.04
N LYS B 50 6.44 -9.17 -4.26
CA LYS B 50 7.21 -10.13 -5.04
C LYS B 50 7.04 -9.80 -6.52
N GLU B 51 8.11 -9.32 -7.15
CA GLU B 51 8.05 -8.99 -8.56
C GLU B 51 7.91 -10.25 -9.40
N VAL B 52 7.11 -10.15 -10.46
CA VAL B 52 6.91 -11.26 -11.39
C VAL B 52 7.25 -10.78 -12.80
N ASP B 53 7.97 -11.62 -13.54
CA ASP B 53 8.32 -11.27 -14.91
C ASP B 53 7.08 -11.19 -15.79
N ARG B 54 6.14 -12.11 -15.61
CA ARG B 54 4.91 -12.13 -16.37
C ARG B 54 3.74 -12.39 -15.43
N TYR B 55 2.63 -11.73 -15.71
CA TYR B 55 1.42 -11.89 -14.90
C TYR B 55 0.58 -13.05 -15.42
N ASP B 56 -0.15 -13.68 -14.51
CA ASP B 56 -1.17 -14.63 -14.92
C ASP B 56 -2.34 -13.86 -15.52
N ALA B 57 -2.97 -14.44 -16.53
CA ALA B 57 -4.03 -13.75 -17.24
C ALA B 57 -5.23 -13.54 -16.33
N PRO B 58 -5.64 -12.31 -16.06
CA PRO B 58 -6.79 -12.08 -15.19
C PRO B 58 -8.10 -12.16 -15.96
N GLY B 59 -9.20 -12.10 -15.21
CA GLY B 59 -10.51 -12.09 -15.81
C GLY B 59 -11.26 -10.80 -15.54
N ILE B 60 -11.74 -10.15 -16.59
CA ILE B 60 -12.44 -8.88 -16.48
C ILE B 60 -13.90 -9.16 -16.83
N ALA B 61 -14.74 -9.25 -15.81
CA ALA B 61 -16.15 -9.60 -15.99
C ALA B 61 -16.95 -8.31 -16.17
N LEU B 62 -17.27 -7.99 -17.42
CA LEU B 62 -18.06 -6.81 -17.72
C LEU B 62 -19.55 -7.09 -17.46
N TYR B 63 -20.32 -6.01 -17.35
CA TYR B 63 -21.78 -6.10 -17.20
C TYR B 63 -22.43 -5.13 -18.16
N PRO B 64 -22.36 -5.41 -19.47
CA PRO B 64 -22.95 -4.48 -20.44
C PRO B 64 -24.46 -4.30 -20.28
N GLY B 65 -25.17 -5.33 -19.86
CA GLY B 65 -26.62 -5.27 -19.83
C GLY B 65 -27.19 -5.18 -21.23
N GLN B 66 -27.83 -4.06 -21.55
CA GLN B 66 -28.32 -3.83 -22.90
C GLN B 66 -27.23 -3.39 -23.86
N ALA B 67 -26.08 -2.97 -23.35
CA ALA B 67 -24.99 -2.53 -24.21
C ALA B 67 -24.40 -3.71 -24.99
N GLN B 68 -23.95 -3.42 -26.21
CA GLN B 68 -23.35 -4.41 -27.08
C GLN B 68 -21.86 -4.16 -27.19
N LEU B 69 -21.06 -5.21 -27.00
CA LEU B 69 -19.62 -5.07 -27.16
C LEU B 69 -19.29 -4.74 -28.60
N LEU B 70 -18.49 -3.70 -28.80
CA LEU B 70 -18.20 -3.18 -30.13
C LEU B 70 -16.87 -3.68 -30.70
N SER B 71 -15.81 -3.63 -29.90
CA SER B 71 -14.50 -4.07 -30.38
C SER B 71 -13.62 -4.40 -29.19
N CYS B 72 -12.85 -5.48 -29.32
CA CYS B 72 -11.87 -5.88 -28.32
C CYS B 72 -10.55 -6.17 -29.03
N LYS B 73 -9.46 -5.60 -28.52
CA LYS B 73 -8.17 -5.77 -29.15
C LYS B 73 -7.07 -5.59 -28.12
N HIS B 74 -5.97 -6.30 -28.32
CA HIS B 74 -4.80 -6.22 -27.46
C HIS B 74 -3.78 -5.28 -28.07
N HIS B 75 -3.23 -4.38 -27.27
CA HIS B 75 -2.25 -3.41 -27.73
C HIS B 75 -1.08 -3.37 -26.76
N TYR B 76 0.00 -2.69 -27.17
CA TYR B 76 1.22 -2.59 -26.38
C TYR B 76 1.58 -1.11 -26.20
N GLU B 77 1.26 -0.56 -25.03
CA GLU B 77 1.74 0.74 -24.58
C GLU B 77 1.26 1.90 -25.46
N VAL B 78 0.37 1.63 -26.43
CA VAL B 78 -0.15 2.67 -27.30
C VAL B 78 -1.49 2.22 -27.87
N ILE B 79 -2.39 3.17 -28.04
CA ILE B 79 -3.70 2.94 -28.63
C ILE B 79 -3.71 3.60 -30.00
N PRO B 80 -3.80 2.83 -31.09
CA PRO B 80 -3.91 3.44 -32.41
C PRO B 80 -5.22 4.20 -32.54
N PRO B 81 -5.26 5.25 -33.34
CA PRO B 81 -6.50 6.01 -33.51
C PRO B 81 -7.61 5.13 -34.07
N LEU B 82 -8.83 5.36 -33.60
CA LEU B 82 -9.96 4.55 -34.01
C LEU B 82 -10.27 4.78 -35.48
N THR B 83 -10.51 3.69 -36.21
CA THR B 83 -10.86 3.79 -37.62
C THR B 83 -12.22 4.47 -37.78
N SER B 84 -13.22 4.01 -37.05
CA SER B 84 -14.54 4.61 -37.07
C SER B 84 -15.27 4.32 -35.77
N PRO B 85 -15.51 5.32 -34.94
CA PRO B 85 -16.25 5.09 -33.69
C PRO B 85 -17.68 4.67 -33.96
N GLY B 86 -18.21 3.84 -33.07
CA GLY B 86 -19.57 3.37 -33.18
C GLY B 86 -19.78 2.26 -34.18
N GLN B 87 -18.72 1.66 -34.71
CA GLN B 87 -18.83 0.60 -35.69
C GLN B 87 -18.15 -0.66 -35.18
N PRO B 88 -18.79 -1.83 -35.33
CA PRO B 88 -18.18 -3.07 -34.84
C PRO B 88 -17.00 -3.51 -35.69
N GLY B 89 -16.40 -4.64 -35.34
CA GLY B 89 -15.27 -5.19 -36.07
C GLY B 89 -13.99 -5.16 -35.25
N ASP B 90 -12.99 -5.85 -35.79
CA ASP B 90 -11.68 -5.99 -35.15
C ASP B 90 -11.82 -6.55 -33.73
N MET B 91 -12.68 -7.56 -33.58
CA MET B 91 -12.99 -8.15 -32.28
C MET B 91 -12.37 -9.54 -32.20
N ASN B 92 -11.34 -9.68 -31.36
CA ASN B 92 -10.83 -11.01 -31.03
C ASN B 92 -10.26 -11.00 -29.61
N CYS B 93 -11.10 -11.36 -28.65
CA CYS B 93 -10.68 -11.58 -27.27
C CYS B 93 -11.31 -12.88 -26.79
N THR B 94 -10.67 -13.50 -25.81
CA THR B 94 -11.19 -14.74 -25.25
C THR B 94 -12.31 -14.36 -24.30
N THR B 95 -13.52 -14.26 -24.85
CA THR B 95 -14.68 -13.80 -24.11
C THR B 95 -15.59 -14.99 -23.80
N GLN B 96 -15.96 -15.13 -22.52
CA GLN B 96 -16.89 -16.17 -22.08
C GLN B 96 -18.11 -15.48 -21.48
N ARG B 97 -19.29 -15.86 -21.96
CA ARG B 97 -20.54 -15.26 -21.52
C ARG B 97 -21.22 -16.18 -20.52
N ILE B 98 -21.40 -15.70 -19.30
CA ILE B 98 -22.12 -16.42 -18.27
C ILE B 98 -22.99 -15.45 -17.48
N ASN B 99 -24.17 -15.91 -17.07
CA ASN B 99 -25.07 -15.10 -16.27
C ASN B 99 -25.72 -15.96 -15.20
N TYR B 100 -25.97 -15.35 -14.04
CA TYR B 100 -26.28 -16.09 -12.83
C TYR B 100 -27.06 -15.17 -11.89
N THR B 101 -27.52 -15.75 -10.78
CA THR B 101 -28.25 -15.00 -9.78
C THR B 101 -27.29 -14.22 -8.87
N ASP B 102 -27.68 -13.01 -8.53
CA ASP B 102 -26.89 -12.16 -7.65
C ASP B 102 -26.86 -12.75 -6.25
N PRO B 103 -25.69 -13.03 -5.67
CA PRO B 103 -25.66 -13.55 -4.30
C PRO B 103 -26.26 -12.61 -3.28
N PHE B 104 -26.15 -11.30 -3.49
CA PHE B 104 -26.71 -10.34 -2.54
C PHE B 104 -28.23 -10.31 -2.65
N SER B 105 -28.75 -9.98 -3.83
CA SER B 105 -30.19 -9.96 -4.09
C SER B 105 -30.51 -11.14 -5.00
N ASN B 106 -31.10 -12.18 -4.43
CA ASN B 106 -31.35 -13.41 -5.18
C ASN B 106 -32.37 -13.24 -6.29
N GLN B 107 -33.14 -12.14 -6.29
CA GLN B 107 -34.22 -11.97 -7.24
C GLN B 107 -33.74 -11.51 -8.62
N THR B 108 -32.51 -11.02 -8.72
CA THR B 108 -32.00 -10.45 -9.96
C THR B 108 -30.88 -11.30 -10.52
N VAL B 109 -30.93 -11.52 -11.83
CA VAL B 109 -29.87 -12.22 -12.55
C VAL B 109 -29.05 -11.21 -13.32
N LYS B 110 -27.73 -11.35 -13.24
CA LYS B 110 -26.79 -10.42 -13.85
C LYS B 110 -26.02 -11.10 -14.97
N SER B 111 -25.93 -10.45 -16.11
CA SER B 111 -25.21 -10.98 -17.27
C SER B 111 -23.77 -10.51 -17.23
N ALA B 112 -22.83 -11.45 -17.17
CA ALA B 112 -21.42 -11.14 -17.04
C ALA B 112 -20.69 -11.55 -18.32
N LEU B 113 -19.90 -10.62 -18.85
CA LEU B 113 -19.02 -10.87 -19.99
C LEU B 113 -17.58 -10.84 -19.48
N ILE B 114 -16.94 -12.01 -19.46
CA ILE B 114 -15.59 -12.15 -18.93
C ILE B 114 -14.61 -12.09 -20.10
N VAL B 115 -13.63 -11.19 -20.00
CA VAL B 115 -12.63 -11.00 -21.03
C VAL B 115 -11.26 -11.24 -20.43
N GLN B 116 -10.45 -12.05 -21.13
CA GLN B 116 -9.10 -12.32 -20.67
C GLN B 116 -8.27 -11.04 -20.65
N GLY B 117 -7.62 -10.78 -19.52
CA GLY B 117 -6.86 -9.56 -19.33
C GLY B 117 -5.43 -9.66 -19.83
N PRO B 118 -4.72 -8.54 -19.81
CA PRO B 118 -3.32 -8.54 -20.24
C PRO B 118 -2.44 -9.28 -19.25
N ARG B 119 -1.33 -9.82 -19.76
CA ARG B 119 -0.42 -10.59 -18.93
C ARG B 119 1.04 -10.18 -19.05
N GLU B 120 1.46 -9.54 -20.14
CA GLU B 120 2.84 -9.07 -20.28
C GLU B 120 2.92 -7.66 -19.72
N VAL B 121 3.19 -7.55 -18.42
CA VAL B 121 3.32 -6.26 -17.78
C VAL B 121 4.58 -5.54 -18.28
N LYS B 122 5.65 -6.29 -18.53
CA LYS B 122 6.91 -5.69 -18.95
C LYS B 122 6.76 -4.98 -20.29
N LYS B 123 5.96 -5.53 -21.19
CA LYS B 123 5.73 -4.93 -22.50
C LYS B 123 4.59 -3.91 -22.48
N ARG B 124 4.02 -3.64 -21.30
CA ARG B 124 2.91 -2.70 -21.16
C ARG B 124 1.72 -3.12 -22.03
N GLU B 125 1.43 -4.41 -22.05
CA GLU B 125 0.27 -4.91 -22.78
C GLU B 125 -1.02 -4.41 -22.15
N LEU B 126 -1.98 -4.07 -23.00
CA LEU B 126 -3.25 -3.55 -22.52
C LEU B 126 -4.38 -4.01 -23.42
N VAL B 127 -5.59 -4.03 -22.88
CA VAL B 127 -6.78 -4.49 -23.58
C VAL B 127 -7.74 -3.31 -23.72
N PHE B 128 -8.20 -3.06 -24.93
CA PHE B 128 -9.08 -1.94 -25.23
C PHE B 128 -10.46 -2.47 -25.60
N LEU B 129 -11.49 -1.94 -24.95
CA LEU B 129 -12.86 -2.38 -25.16
C LEU B 129 -13.74 -1.21 -25.56
N GLN B 130 -14.70 -1.47 -26.43
CA GLN B 130 -15.67 -0.47 -26.88
C GLN B 130 -17.07 -1.03 -26.72
N PHE B 131 -17.99 -0.17 -26.27
CA PHE B 131 -19.38 -0.55 -26.07
C PHE B 131 -20.30 0.50 -26.68
N ARG B 132 -21.50 0.07 -27.08
CA ARG B 132 -22.47 0.94 -27.70
C ARG B 132 -23.83 0.70 -27.07
N LEU B 133 -24.63 1.76 -27.00
CA LEU B 133 -25.97 1.68 -26.43
C LEU B 133 -26.86 2.71 -27.14
N ASN B 134 -27.79 2.24 -27.96
CA ASN B 134 -28.66 3.15 -28.70
C ASN B 134 -29.61 3.88 -27.76
N LYS B 135 -30.49 3.13 -27.09
CA LYS B 135 -31.50 3.70 -26.21
C LYS B 135 -31.24 3.23 -24.79
N SER B 136 -31.26 4.17 -23.85
CA SER B 136 -31.04 3.87 -22.44
C SER B 136 -32.00 4.69 -21.60
N SER B 137 -32.58 4.05 -20.58
CA SER B 137 -33.46 4.70 -19.62
C SER B 137 -32.81 4.56 -18.25
N GLU B 138 -31.89 5.48 -17.95
CA GLU B 138 -31.16 5.45 -16.69
C GLU B 138 -30.53 6.81 -16.46
N ASP B 139 -30.44 7.20 -15.19
CA ASP B 139 -29.87 8.50 -14.86
C ASP B 139 -28.36 8.52 -15.07
N PHE B 140 -27.69 7.41 -14.79
CA PHE B 140 -26.24 7.31 -14.90
C PHE B 140 -25.88 6.20 -15.88
N SER B 141 -24.97 6.51 -16.79
CA SER B 141 -24.52 5.55 -17.81
C SER B 141 -23.19 4.98 -17.35
N ALA B 142 -23.20 3.71 -16.96
CA ALA B 142 -21.99 3.04 -16.50
C ALA B 142 -22.15 1.55 -16.68
N ILE B 143 -21.00 0.85 -16.71
CA ILE B 143 -20.97 -0.60 -16.80
C ILE B 143 -20.16 -1.13 -15.63
N ASP B 144 -20.74 -2.05 -14.87
CA ASP B 144 -20.05 -2.67 -13.77
C ASP B 144 -18.97 -3.63 -14.28
N TYR B 145 -17.89 -3.75 -13.52
CA TYR B 145 -16.86 -4.72 -13.84
C TYR B 145 -16.12 -5.08 -12.56
N LEU B 146 -15.75 -6.35 -12.43
CA LEU B 146 -14.93 -6.82 -11.32
C LEU B 146 -13.81 -7.69 -11.86
N LEU B 147 -12.71 -7.75 -11.12
CA LEU B 147 -11.51 -8.45 -11.53
C LEU B 147 -11.23 -9.57 -10.55
N PHE B 148 -10.98 -10.77 -11.07
CA PHE B 148 -10.57 -11.90 -10.24
C PHE B 148 -9.17 -12.35 -10.65
N SER B 149 -8.65 -13.31 -9.89
CA SER B 149 -7.21 -13.61 -9.93
C SER B 149 -6.79 -14.13 -11.31
N SER B 150 -7.46 -15.15 -11.80
CA SER B 150 -7.02 -15.81 -13.02
C SER B 150 -8.20 -16.17 -13.90
N PHE B 151 -8.04 -15.95 -15.21
CA PHE B 151 -9.05 -16.37 -16.16
C PHE B 151 -9.05 -17.88 -16.35
N GLN B 152 -7.87 -18.51 -16.29
CA GLN B 152 -7.78 -19.95 -16.48
C GLN B 152 -8.54 -20.70 -15.39
N GLU B 153 -8.46 -20.21 -14.15
CA GLU B 153 -9.19 -20.87 -13.06
C GLU B 153 -10.68 -20.86 -13.31
N PHE B 154 -11.22 -19.73 -13.77
CA PHE B 154 -12.64 -19.66 -14.11
C PHE B 154 -12.96 -20.58 -15.28
N LEU B 155 -12.07 -20.62 -16.28
CA LEU B 155 -12.34 -21.40 -17.47
C LEU B 155 -12.47 -22.89 -17.16
N GLN B 156 -11.61 -23.40 -16.29
CA GLN B 156 -11.60 -24.81 -15.93
C GLN B 156 -12.32 -25.11 -14.62
N SER B 157 -13.02 -24.13 -14.07
CA SER B 157 -13.72 -24.34 -12.81
C SER B 157 -14.85 -25.34 -13.00
N PRO B 158 -15.09 -26.23 -12.03
CA PRO B 158 -16.21 -27.17 -12.17
C PRO B 158 -17.57 -26.50 -11.96
N ASN B 159 -17.68 -25.63 -10.96
CA ASN B 159 -18.92 -24.92 -10.67
C ASN B 159 -18.72 -23.46 -11.06
N ARG B 160 -19.10 -23.14 -12.30
CA ARG B 160 -18.89 -21.78 -12.83
C ARG B 160 -19.72 -20.76 -12.06
N VAL B 161 -20.97 -21.10 -11.72
CA VAL B 161 -21.85 -20.14 -11.07
C VAL B 161 -21.32 -19.76 -9.70
N GLY B 162 -20.89 -20.77 -8.92
CA GLY B 162 -20.38 -20.49 -7.59
C GLY B 162 -19.11 -19.67 -7.61
N PHE B 163 -18.25 -19.89 -8.61
CA PHE B 163 -17.02 -19.12 -8.72
C PHE B 163 -17.32 -17.64 -8.94
N MET B 164 -18.30 -17.33 -9.79
CA MET B 164 -18.67 -15.94 -10.02
C MET B 164 -19.28 -15.31 -8.78
N GLN B 165 -20.07 -16.07 -8.03
CA GLN B 165 -20.63 -15.55 -6.78
C GLN B 165 -19.51 -15.25 -5.77
N ALA B 166 -18.51 -16.14 -5.69
CA ALA B 166 -17.37 -15.88 -4.81
C ALA B 166 -16.61 -14.64 -5.26
N CYS B 167 -16.47 -14.45 -6.57
CA CYS B 167 -15.84 -13.24 -7.08
C CYS B 167 -16.64 -12.00 -6.71
N GLU B 168 -17.97 -12.08 -6.80
CA GLU B 168 -18.81 -10.97 -6.35
C GLU B 168 -18.59 -10.68 -4.88
N SER B 169 -18.41 -11.72 -4.07
CA SER B 169 -18.10 -11.50 -2.66
C SER B 169 -16.78 -10.77 -2.48
N ALA B 170 -15.83 -10.98 -3.39
CA ALA B 170 -14.56 -10.27 -3.32
C ALA B 170 -14.77 -8.79 -3.61
N TYR B 171 -13.95 -7.94 -2.97
CA TYR B 171 -14.06 -6.48 -3.10
C TYR B 171 -13.27 -5.85 -4.22
N SER B 172 -13.63 -6.16 -5.44
CA SER B 172 -12.91 -5.68 -6.60
C SER B 172 -13.84 -5.17 -7.69
N SER B 173 -14.98 -4.60 -7.31
CA SER B 173 -15.97 -4.11 -8.26
C SER B 173 -15.86 -2.60 -8.42
N TRP B 174 -15.93 -2.13 -9.66
CA TRP B 174 -15.86 -0.71 -9.96
C TRP B 174 -16.81 -0.40 -11.12
N LYS B 175 -16.71 0.82 -11.63
CA LYS B 175 -17.51 1.28 -12.76
C LYS B 175 -16.65 2.17 -13.64
N PHE B 176 -17.02 2.28 -14.91
CA PHE B 176 -16.43 3.25 -15.80
C PHE B 176 -17.54 4.01 -16.52
N SER B 177 -17.33 5.30 -16.72
CA SER B 177 -18.37 6.19 -17.20
C SER B 177 -18.60 6.01 -18.70
N GLY B 178 -19.65 6.66 -19.18
CA GLY B 178 -19.98 6.68 -20.60
C GLY B 178 -19.51 7.98 -21.23
N GLY B 179 -19.05 7.87 -22.48
CA GLY B 179 -18.47 9.02 -23.14
C GLY B 179 -17.06 9.35 -22.70
N PHE B 180 -16.44 8.49 -21.91
CA PHE B 180 -15.07 8.68 -21.46
C PHE B 180 -14.29 7.39 -21.66
N ARG B 181 -12.99 7.52 -21.88
CA ARG B 181 -12.09 6.38 -21.94
C ARG B 181 -11.29 6.35 -20.64
N THR B 182 -11.55 5.34 -19.82
CA THR B 182 -10.92 5.21 -18.52
C THR B 182 -9.79 4.20 -18.61
N TRP B 183 -8.57 4.64 -18.27
CA TRP B 183 -7.42 3.76 -18.22
C TRP B 183 -7.32 3.18 -16.82
N VAL B 184 -7.50 1.87 -16.71
CA VAL B 184 -7.51 1.18 -15.43
C VAL B 184 -6.17 0.50 -15.25
N LYS B 185 -5.41 0.95 -14.25
CA LYS B 185 -4.13 0.33 -13.89
C LYS B 185 -4.37 -0.54 -12.66
N MET B 186 -4.62 -1.82 -12.89
CA MET B 186 -4.98 -2.74 -11.82
C MET B 186 -3.74 -3.28 -11.14
N SER B 187 -3.82 -3.43 -9.82
CA SER B 187 -2.77 -4.02 -9.01
C SER B 187 -3.31 -5.23 -8.28
N LEU B 188 -2.48 -6.26 -8.15
CA LEU B 188 -2.88 -7.53 -7.55
C LEU B 188 -2.50 -7.54 -6.08
N VAL B 189 -3.47 -7.89 -5.23
CA VAL B 189 -3.25 -8.03 -3.80
C VAL B 189 -3.75 -9.40 -3.38
N LYS B 190 -2.85 -10.25 -2.90
CA LYS B 190 -3.18 -11.59 -2.44
C LYS B 190 -3.13 -11.62 -0.91
N THR B 191 -4.22 -12.02 -0.29
CA THR B 191 -4.29 -12.20 1.15
C THR B 191 -4.56 -13.66 1.46
N LYS B 192 -3.80 -14.23 2.39
CA LYS B 192 -3.94 -15.63 2.76
C LYS B 192 -4.70 -15.72 4.07
N GLU B 193 -5.86 -16.37 4.04
CA GLU B 193 -6.65 -16.54 5.24
C GLU B 193 -6.06 -17.62 6.14
N GLU B 194 -6.51 -17.65 7.39
CA GLU B 194 -6.01 -18.65 8.32
C GLU B 194 -6.46 -20.06 7.94
N ASP B 195 -7.64 -20.19 7.31
CA ASP B 195 -8.11 -21.51 6.89
C ASP B 195 -7.22 -22.10 5.81
N GLY B 196 -6.58 -21.27 5.00
CA GLY B 196 -5.68 -21.78 3.97
C GLY B 196 -5.92 -21.18 2.60
N ARG B 197 -7.15 -20.76 2.32
CA ARG B 197 -7.46 -20.19 1.02
C ARG B 197 -6.81 -18.81 0.88
N GLU B 198 -6.50 -18.44 -0.35
CA GLU B 198 -5.83 -17.18 -0.67
C GLU B 198 -6.82 -16.30 -1.42
N ALA B 199 -7.50 -15.43 -0.67
CA ALA B 199 -8.39 -14.46 -1.29
C ALA B 199 -7.59 -13.43 -2.08
N VAL B 200 -8.16 -12.99 -3.21
CA VAL B 200 -7.49 -12.07 -4.10
C VAL B 200 -8.39 -10.86 -4.32
N GLU B 201 -7.83 -9.67 -4.14
CA GLU B 201 -8.52 -8.42 -4.38
C GLU B 201 -7.63 -7.50 -5.20
N PHE B 202 -8.24 -6.57 -5.91
CA PHE B 202 -7.53 -5.69 -6.84
C PHE B 202 -7.55 -4.25 -6.36
N ARG B 203 -6.54 -3.51 -6.77
CA ARG B 203 -6.45 -2.07 -6.57
C ARG B 203 -6.24 -1.40 -7.92
N GLN B 204 -6.94 -0.30 -8.16
CA GLN B 204 -6.94 0.36 -9.46
C GLN B 204 -6.61 1.83 -9.32
N GLU B 205 -6.09 2.40 -10.39
CA GLU B 205 -5.80 3.83 -10.50
C GLU B 205 -6.34 4.31 -11.84
N THR B 206 -7.60 4.74 -11.84
CA THR B 206 -8.25 5.14 -13.08
C THR B 206 -7.69 6.47 -13.59
N SER B 207 -7.80 6.67 -14.89
CA SER B 207 -7.42 7.92 -15.56
C SER B 207 -8.54 8.24 -16.56
N VAL B 208 -9.52 9.01 -16.12
CA VAL B 208 -10.67 9.33 -16.94
C VAL B 208 -10.26 10.34 -18.00
N VAL B 209 -10.57 10.05 -19.25
CA VAL B 209 -10.25 10.91 -20.39
C VAL B 209 -11.52 11.17 -21.18
N ASN B 210 -11.81 12.45 -21.42
CA ASN B 210 -12.98 12.81 -22.20
C ASN B 210 -12.84 12.35 -23.64
N TYR B 211 -13.96 12.01 -24.26
CA TYR B 211 -14.00 11.54 -25.64
C TYR B 211 -14.71 12.58 -26.49
N ILE B 212 -14.04 13.05 -27.54
CA ILE B 212 -14.59 14.04 -28.45
C ILE B 212 -15.12 13.31 -29.68
N ASP B 213 -16.39 13.53 -30.00
CA ASP B 213 -17.06 12.84 -31.10
C ASP B 213 -17.37 13.82 -32.21
N GLN B 214 -16.91 13.51 -33.42
CA GLN B 214 -17.22 14.28 -34.61
C GLN B 214 -18.30 13.63 -35.45
N ARG B 215 -18.97 12.61 -34.93
CA ARG B 215 -19.99 11.89 -35.66
C ARG B 215 -21.21 12.77 -35.89
N PRO B 216 -22.02 12.47 -36.91
CA PRO B 216 -23.19 13.30 -37.20
C PRO B 216 -24.17 13.33 -36.03
N ALA B 217 -24.91 14.44 -35.93
CA ALA B 217 -25.83 14.64 -34.82
C ALA B 217 -26.93 13.59 -34.77
N ALA B 218 -27.18 12.89 -35.88
CA ALA B 218 -28.21 11.85 -35.88
C ALA B 218 -27.83 10.71 -34.93
N LYS B 219 -26.56 10.32 -34.92
CA LYS B 219 -26.08 9.21 -34.10
C LYS B 219 -25.63 9.65 -32.71
N LYS B 220 -25.77 10.93 -32.38
CA LYS B 220 -25.33 11.40 -31.06
C LYS B 220 -26.18 10.85 -29.93
N SER B 221 -27.38 10.33 -30.24
CA SER B 221 -28.23 9.76 -29.20
C SER B 221 -27.56 8.57 -28.52
N ALA B 222 -26.95 7.68 -29.32
CA ALA B 222 -26.23 6.55 -28.77
C ALA B 222 -24.96 7.01 -28.07
N GLN B 223 -24.62 6.34 -26.97
CA GLN B 223 -23.45 6.67 -26.18
C GLN B 223 -22.44 5.54 -26.24
N LEU B 224 -21.16 5.91 -26.36
CA LEU B 224 -20.07 4.96 -26.55
C LEU B 224 -19.25 4.85 -25.27
N PHE B 225 -18.95 3.63 -24.86
CA PHE B 225 -18.18 3.36 -23.66
C PHE B 225 -16.81 2.84 -24.05
N PHE B 226 -15.76 3.41 -23.46
CA PHE B 226 -14.40 2.98 -23.70
C PHE B 226 -13.72 2.69 -22.37
N VAL B 227 -12.90 1.63 -22.35
CA VAL B 227 -12.16 1.26 -21.16
C VAL B 227 -10.88 0.56 -21.58
N VAL B 228 -9.80 0.80 -20.82
CA VAL B 228 -8.50 0.20 -21.07
C VAL B 228 -8.02 -0.42 -19.76
N PHE B 229 -7.58 -1.68 -19.81
CA PHE B 229 -7.09 -2.39 -18.65
C PHE B 229 -5.61 -2.69 -18.83
N GLU B 230 -4.82 -2.42 -17.80
CA GLU B 230 -3.37 -2.58 -17.85
C GLU B 230 -2.86 -2.83 -16.44
N TRP B 231 -1.79 -3.61 -16.35
CA TRP B 231 -1.13 -3.84 -15.08
C TRP B 231 -0.25 -2.64 -14.74
N LYS B 232 -0.42 -2.10 -13.52
CA LYS B 232 0.34 -0.92 -13.13
C LYS B 232 1.81 -1.24 -12.96
N ASP B 233 2.12 -2.30 -12.20
CA ASP B 233 3.49 -2.65 -11.90
C ASP B 233 3.60 -4.16 -11.74
N PRO B 234 4.78 -4.74 -11.99
CA PRO B 234 4.91 -6.20 -11.84
C PRO B 234 4.81 -6.68 -10.41
N PHE B 235 4.99 -5.80 -9.43
CA PHE B 235 4.98 -6.23 -8.04
C PHE B 235 3.59 -6.68 -7.61
N ILE B 236 3.53 -7.78 -6.88
CA ILE B 236 2.29 -8.35 -6.36
C ILE B 236 2.33 -8.24 -4.84
N GLN B 237 1.34 -7.54 -4.28
CA GLN B 237 1.26 -7.39 -2.84
C GLN B 237 0.69 -8.65 -2.22
N LYS B 238 1.40 -9.21 -1.24
CA LYS B 238 0.97 -10.42 -0.55
C LYS B 238 0.79 -10.10 0.92
N VAL B 239 -0.38 -10.48 1.45
CA VAL B 239 -0.74 -10.22 2.83
C VAL B 239 -0.91 -11.56 3.54
N GLN B 240 -0.23 -11.73 4.67
CA GLN B 240 -0.26 -12.98 5.41
C GLN B 240 -0.07 -12.69 6.88
N ASP B 241 -0.40 -13.67 7.71
CA ASP B 241 -0.25 -13.52 9.15
C ASP B 241 1.22 -13.23 9.47
N ILE B 242 1.45 -12.33 10.41
CA ILE B 242 2.80 -11.85 10.67
C ILE B 242 3.70 -12.99 11.15
N VAL B 243 3.16 -13.91 11.94
CA VAL B 243 3.95 -15.04 12.39
C VAL B 243 4.25 -15.99 11.25
N THR B 244 3.23 -16.30 10.44
CA THR B 244 3.39 -17.28 9.37
C THR B 244 4.14 -16.71 8.17
N ALA B 245 4.01 -15.40 7.91
CA ALA B 245 4.63 -14.82 6.72
C ALA B 245 6.15 -14.95 6.76
N ASN B 246 6.75 -14.69 7.92
CA ASN B 246 8.20 -14.80 8.10
C ASN B 246 8.45 -15.71 9.28
N PRO B 247 8.40 -17.03 9.08
CA PRO B 247 8.59 -17.95 10.20
C PRO B 247 9.98 -17.90 10.82
N TRP B 248 10.96 -17.36 10.10
CA TRP B 248 12.33 -17.33 10.62
C TRP B 248 12.44 -16.48 11.87
N ASN B 249 11.65 -15.41 11.97
CA ASN B 249 11.66 -14.61 13.20
C ASN B 249 11.16 -15.42 14.38
N THR B 250 10.08 -16.17 14.20
CA THR B 250 9.57 -17.01 15.29
C THR B 250 10.57 -18.11 15.64
N ILE B 251 11.23 -18.70 14.63
CA ILE B 251 12.23 -19.72 14.90
C ILE B 251 13.39 -19.14 15.70
N ALA B 252 13.86 -17.96 15.32
CA ALA B 252 14.94 -17.32 16.06
C ALA B 252 14.53 -17.01 17.50
N LEU B 253 13.31 -16.51 17.69
CA LEU B 253 12.84 -16.22 19.04
C LEU B 253 12.74 -17.49 19.87
N LEU B 254 12.26 -18.58 19.28
CA LEU B 254 12.14 -19.84 20.02
C LEU B 254 13.51 -20.40 20.37
N CYS B 255 14.46 -20.33 19.44
CA CYS B 255 15.81 -20.79 19.74
C CYS B 255 16.44 -19.95 20.84
N GLY B 256 16.23 -18.63 20.80
CA GLY B 256 16.74 -17.79 21.87
C GLY B 256 16.11 -18.13 23.21
N ALA B 257 14.81 -18.40 23.22
CA ALA B 257 14.14 -18.76 24.47
C ALA B 257 14.67 -20.08 25.03
N PHE B 258 14.85 -21.08 24.17
CA PHE B 258 15.38 -22.36 24.63
C PHE B 258 16.81 -22.23 25.13
N LEU B 259 17.64 -21.45 24.44
CA LEU B 259 19.01 -21.25 24.89
C LEU B 259 19.04 -20.47 26.21
N ALA B 260 18.12 -19.52 26.38
CA ALA B 260 18.02 -18.81 27.65
C ALA B 260 17.61 -19.76 28.77
N LEU B 261 16.68 -20.68 28.49
CA LEU B 261 16.29 -21.67 29.48
C LEU B 261 17.46 -22.56 29.87
N PHE B 262 18.25 -22.99 28.88
CA PHE B 262 19.41 -23.82 29.18
C PHE B 262 20.46 -23.04 29.99
N LYS B 263 20.65 -21.76 29.65
CA LYS B 263 21.58 -20.93 30.42
C LYS B 263 21.08 -20.76 31.85
N ALA B 264 19.77 -20.61 32.03
CA ALA B 264 19.22 -20.54 33.38
C ALA B 264 19.43 -21.85 34.13
N ALA B 265 19.31 -22.98 33.44
CA ALA B 265 19.60 -24.26 34.07
C ALA B 265 21.04 -24.34 34.53
N GLU B 266 21.97 -23.90 33.68
CA GLU B 266 23.38 -23.89 34.07
C GLU B 266 23.62 -22.95 35.25
N PHE B 267 22.97 -21.78 35.24
CA PHE B 267 23.11 -20.84 36.34
C PHE B 267 22.60 -21.43 37.64
N ALA B 268 21.46 -22.14 37.59
CA ALA B 268 20.94 -22.79 38.78
C ALA B 268 21.88 -23.87 39.28
N LYS B 269 22.45 -24.66 38.35
CA LYS B 269 23.37 -25.71 38.75
C LYS B 269 24.61 -25.13 39.43
N LEU B 270 25.08 -23.98 38.95
CA LEU B 270 26.22 -23.33 39.59
C LEU B 270 25.82 -22.72 40.93
N SER B 271 24.64 -22.10 41.00
CA SER B 271 24.24 -21.37 42.19
C SER B 271 23.92 -22.31 43.34
N ILE B 272 23.33 -23.47 43.05
CA ILE B 272 23.04 -24.42 44.12
C ILE B 272 24.34 -24.94 44.74
N LYS B 273 25.35 -25.21 43.89
CA LYS B 273 26.66 -25.61 44.40
C LYS B 273 27.28 -24.50 45.23
N TRP B 274 27.19 -23.26 44.76
CA TRP B 274 27.78 -22.14 45.47
C TRP B 274 27.13 -21.96 46.85
N MET B 275 25.79 -22.03 46.90
CA MET B 275 25.11 -21.85 48.18
C MET B 275 25.32 -23.04 49.10
N ILE B 276 25.44 -24.25 48.56
CA ILE B 276 25.76 -25.41 49.39
C ILE B 276 27.14 -25.24 50.00
N LYS B 277 28.11 -24.79 49.21
CA LYS B 277 29.46 -24.54 49.74
C LYS B 277 29.44 -23.46 50.80
N ILE B 278 28.67 -22.39 50.57
CA ILE B 278 28.58 -21.31 51.55
C ILE B 278 27.97 -21.80 52.86
N ARG B 279 26.92 -22.61 52.76
CA ARG B 279 26.28 -23.15 53.97
C ARG B 279 27.22 -24.10 54.71
N LYS B 280 27.97 -24.92 53.97
CA LYS B 280 28.92 -25.83 54.60
C LYS B 280 30.02 -25.06 55.31
N ARG B 281 30.53 -23.99 54.68
CA ARG B 281 31.56 -23.18 55.32
C ARG B 281 31.01 -22.48 56.56
N TYR B 282 29.80 -21.93 56.48
CA TYR B 282 29.21 -21.27 57.63
C TYR B 282 28.82 -22.27 58.71
N LEU B 283 28.26 -23.41 58.32
CA LEU B 283 27.84 -24.42 59.28
C LEU B 283 27.84 -25.80 58.64
N LEU C 6 45.20 -7.64 37.33
CA LEU C 6 45.72 -7.82 35.99
C LEU C 6 45.01 -8.96 35.28
N LYS C 7 44.78 -10.08 35.99
CA LYS C 7 44.06 -11.20 35.40
C LYS C 7 42.64 -10.80 35.03
N ASN C 8 41.97 -10.03 35.89
CA ASN C 8 40.60 -9.61 35.60
C ASN C 8 40.55 -8.69 34.37
N VAL C 9 41.46 -7.72 34.29
CA VAL C 9 41.43 -6.80 33.16
C VAL C 9 41.81 -7.53 31.87
N PHE C 10 42.74 -8.48 31.94
CA PHE C 10 43.06 -9.27 30.77
C PHE C 10 41.89 -10.15 30.35
N SER C 11 41.13 -10.67 31.31
CA SER C 11 39.94 -11.44 31.00
C SER C 11 38.90 -10.57 30.31
N VAL C 12 38.73 -9.32 30.77
CA VAL C 12 37.80 -8.41 30.13
C VAL C 12 38.25 -8.11 28.69
N LEU C 13 39.55 -7.88 28.50
CA LEU C 13 40.07 -7.64 27.16
C LEU C 13 39.82 -8.84 26.26
N LEU C 14 40.02 -10.05 26.78
CA LEU C 14 39.79 -11.26 25.99
C LEU C 14 38.30 -11.45 25.71
N ILE C 15 37.43 -11.04 26.64
CA ILE C 15 36.00 -11.00 26.36
C ILE C 15 35.71 -10.11 25.17
N PHE C 16 36.31 -8.92 25.15
CA PHE C 16 36.11 -8.01 24.03
C PHE C 16 36.61 -8.62 22.73
N ILE C 17 37.78 -9.27 22.78
CA ILE C 17 38.34 -9.87 21.57
C ILE C 17 37.43 -10.97 21.04
N TYR C 18 36.94 -11.84 21.92
CA TYR C 18 36.08 -12.93 21.46
C TYR C 18 34.71 -12.43 21.01
N LEU C 19 34.17 -11.39 21.66
CA LEU C 19 32.93 -10.81 21.17
C LEU C 19 33.11 -10.20 19.79
N LEU C 20 34.24 -9.52 19.57
CA LEU C 20 34.52 -8.98 18.25
C LEU C 20 34.67 -10.09 17.21
N LEU C 21 35.33 -11.19 17.59
CA LEU C 21 35.49 -12.32 16.67
C LEU C 21 34.14 -12.94 16.31
N MET C 22 33.26 -13.09 17.30
CA MET C 22 31.93 -13.61 17.02
C MET C 22 31.15 -12.67 16.12
N ALA C 23 31.27 -11.36 16.36
CA ALA C 23 30.60 -10.39 15.50
C ALA C 23 31.12 -10.46 14.07
N VAL C 24 32.44 -10.63 13.91
CA VAL C 24 33.02 -10.74 12.58
C VAL C 24 32.51 -12.00 11.88
N ALA C 25 32.45 -13.12 12.61
CA ALA C 25 31.96 -14.35 12.00
C ALA C 25 30.50 -14.23 11.57
N VAL C 26 29.67 -13.63 12.43
CA VAL C 26 28.27 -13.43 12.09
C VAL C 26 28.13 -12.51 10.88
N PHE C 27 28.96 -11.45 10.84
CA PHE C 27 28.92 -10.54 9.71
C PHE C 27 29.32 -11.24 8.41
N LEU C 28 30.35 -12.08 8.47
CA LEU C 28 30.76 -12.81 7.27
C LEU C 28 29.66 -13.77 6.80
N VAL C 29 29.02 -14.47 7.73
CA VAL C 29 27.94 -15.38 7.34
C VAL C 29 26.78 -14.60 6.74
N TYR C 30 26.43 -13.46 7.34
CA TYR C 30 25.34 -12.65 6.81
C TYR C 30 25.69 -12.10 5.43
N ARG C 31 26.93 -11.68 5.22
CA ARG C 31 27.35 -11.20 3.92
C ARG C 31 27.30 -12.31 2.87
N THR C 32 27.69 -13.54 3.26
CA THR C 32 27.56 -14.66 2.35
C THR C 32 26.09 -14.92 1.99
N ILE C 33 25.21 -14.85 2.98
CA ILE C 33 23.79 -15.05 2.72
C ILE C 33 23.26 -13.98 1.77
N THR C 34 23.65 -12.73 2.00
CA THR C 34 23.19 -11.64 1.14
C THR C 34 23.72 -11.80 -0.29
N ASP C 35 24.99 -12.19 -0.42
CA ASP C 35 25.58 -12.38 -1.74
C ASP C 35 24.90 -13.53 -2.47
N PHE C 36 24.49 -14.58 -1.75
CA PHE C 36 23.78 -15.66 -2.40
C PHE C 36 22.36 -15.24 -2.77
N ARG C 37 21.73 -14.42 -1.96
CA ARG C 37 20.38 -13.99 -2.25
C ARG C 37 20.32 -13.11 -3.45
N GLU C 38 21.22 -12.15 -3.49
CA GLU C 38 21.15 -11.17 -4.56
C GLU C 38 21.30 -11.80 -5.94
N LYS C 39 21.78 -13.04 -6.01
CA LYS C 39 21.92 -13.70 -7.30
C LYS C 39 20.56 -14.16 -7.83
N LEU C 40 19.72 -14.70 -6.95
CA LEU C 40 18.42 -15.22 -7.40
C LEU C 40 17.50 -14.09 -7.79
N LYS C 41 16.61 -14.37 -8.73
CA LYS C 41 15.66 -13.41 -9.25
C LYS C 41 14.32 -13.53 -8.52
N HIS C 42 13.58 -12.43 -8.51
CA HIS C 42 12.25 -12.34 -7.90
C HIS C 42 12.26 -12.76 -6.44
N PRO C 43 12.92 -12.02 -5.56
CA PRO C 43 12.87 -12.36 -4.13
C PRO C 43 11.65 -11.72 -3.45
N VAL C 44 11.37 -12.23 -2.25
CA VAL C 44 10.30 -11.66 -1.44
C VAL C 44 10.78 -10.33 -0.87
N MET C 45 9.96 -9.29 -1.04
CA MET C 45 10.33 -7.94 -0.65
C MET C 45 9.39 -7.43 0.42
N SER C 46 9.93 -6.61 1.33
CA SER C 46 9.17 -6.04 2.43
C SER C 46 8.87 -4.58 2.16
N VAL C 47 8.04 -4.00 3.03
CA VAL C 47 7.60 -2.61 2.89
C VAL C 47 8.00 -1.85 4.14
N SER C 48 8.63 -0.69 3.95
CA SER C 48 8.99 0.19 5.04
C SER C 48 8.64 1.62 4.68
N TYR C 49 8.00 2.33 5.59
CA TYR C 49 7.63 3.73 5.41
C TYR C 49 8.60 4.62 6.19
N LYS C 50 8.80 5.83 5.68
CA LYS C 50 9.70 6.78 6.33
C LYS C 50 9.18 8.19 6.04
N GLU C 51 8.66 8.84 7.08
CA GLU C 51 8.16 10.21 6.94
C GLU C 51 9.31 11.17 6.67
N VAL C 52 9.07 12.13 5.79
CA VAL C 52 10.05 13.17 5.46
C VAL C 52 9.42 14.53 5.71
N ASP C 53 10.19 15.43 6.32
CA ASP C 53 9.69 16.78 6.57
C ASP C 53 9.46 17.53 5.26
N ARG C 54 10.37 17.37 4.31
CA ARG C 54 10.26 18.03 3.01
C ARG C 54 10.60 17.02 1.92
N TYR C 55 9.87 17.12 0.82
CA TYR C 55 10.08 16.24 -0.32
C TYR C 55 11.15 16.82 -1.24
N ASP C 56 11.85 15.92 -1.93
CA ASP C 56 12.71 16.35 -3.02
C ASP C 56 11.85 16.74 -4.21
N ALA C 57 12.28 17.75 -4.94
CA ALA C 57 11.46 18.30 -6.02
C ALA C 57 11.35 17.26 -7.14
N PRO C 58 10.13 16.82 -7.48
CA PRO C 58 9.97 15.82 -8.54
C PRO C 58 9.92 16.48 -9.91
N GLY C 59 9.91 15.64 -10.93
CA GLY C 59 9.78 16.12 -12.29
C GLY C 59 8.51 15.64 -12.95
N ILE C 60 7.73 16.56 -13.49
CA ILE C 60 6.46 16.24 -14.14
C ILE C 60 6.65 16.49 -15.63
N ALA C 61 6.85 15.41 -16.38
CA ALA C 61 7.12 15.51 -17.81
C ALA C 61 5.79 15.47 -18.56
N LEU C 62 5.31 16.65 -18.98
CA LEU C 62 4.08 16.73 -19.74
C LEU C 62 4.34 16.38 -21.21
N TYR C 63 3.26 16.08 -21.93
CA TYR C 63 3.32 15.82 -23.36
C TYR C 63 2.21 16.61 -24.06
N PRO C 64 2.34 17.93 -24.12
CA PRO C 64 1.28 18.74 -24.74
C PRO C 64 1.08 18.43 -26.21
N GLY C 65 2.13 18.06 -26.93
CA GLY C 65 2.03 17.90 -28.37
C GLY C 65 1.76 19.22 -29.05
N GLN C 66 0.58 19.36 -29.66
CA GLN C 66 0.18 20.62 -30.26
C GLN C 66 -0.34 21.63 -29.23
N ALA C 67 -0.66 21.17 -28.01
CA ALA C 67 -1.17 22.07 -26.99
C ALA C 67 -0.08 23.03 -26.52
N GLN C 68 -0.48 24.23 -26.16
CA GLN C 68 0.43 25.26 -25.68
C GLN C 68 0.20 25.47 -24.19
N LEU C 69 1.28 25.47 -23.43
CA LEU C 69 1.19 25.73 -22.00
C LEU C 69 0.69 27.16 -21.78
N LEU C 70 -0.34 27.30 -20.96
CA LEU C 70 -1.00 28.59 -20.75
C LEU C 70 -0.53 29.32 -19.50
N SER C 71 -0.44 28.62 -18.37
CA SER C 71 -0.03 29.26 -17.13
C SER C 71 0.47 28.19 -16.16
N CYS C 72 1.55 28.52 -15.46
CA CYS C 72 2.10 27.66 -14.41
C CYS C 72 2.34 28.52 -13.17
N LYS C 73 1.89 28.04 -12.03
CA LYS C 73 2.00 28.80 -10.80
C LYS C 73 1.99 27.85 -9.61
N HIS C 74 2.71 28.22 -8.55
CA HIS C 74 2.76 27.46 -7.32
C HIS C 74 1.79 28.06 -6.31
N HIS C 75 1.01 27.21 -5.66
CA HIS C 75 0.03 27.64 -4.68
C HIS C 75 0.14 26.77 -3.43
N TYR C 76 -0.56 27.19 -2.38
CA TYR C 76 -0.52 26.51 -1.09
C TYR C 76 -1.95 26.19 -0.64
N GLU C 77 -2.37 24.94 -0.85
CA GLU C 77 -3.60 24.39 -0.28
C GLU C 77 -4.86 25.08 -0.78
N VAL C 78 -4.74 25.98 -1.75
CA VAL C 78 -5.89 26.68 -2.29
C VAL C 78 -5.55 27.18 -3.70
N ILE C 79 -6.55 27.16 -4.56
CA ILE C 79 -6.43 27.66 -5.93
C ILE C 79 -7.25 28.95 -6.04
N PRO C 80 -6.61 30.10 -6.24
CA PRO C 80 -7.38 31.33 -6.44
C PRO C 80 -8.19 31.25 -7.72
N PRO C 81 -9.34 31.92 -7.78
CA PRO C 81 -10.15 31.90 -9.00
C PRO C 81 -9.37 32.46 -10.19
N LEU C 82 -9.58 31.85 -11.35
CA LEU C 82 -8.87 32.26 -12.55
C LEU C 82 -9.28 33.66 -12.97
N THR C 83 -8.29 34.48 -13.30
CA THR C 83 -8.58 35.83 -13.77
C THR C 83 -9.31 35.81 -15.12
N SER C 84 -8.79 35.04 -16.07
CA SER C 84 -9.43 34.88 -17.37
C SER C 84 -9.01 33.56 -17.99
N PRO C 85 -9.92 32.59 -18.12
CA PRO C 85 -9.56 31.32 -18.76
C PRO C 85 -9.23 31.52 -20.23
N GLY C 86 -8.32 30.68 -20.71
CA GLY C 86 -7.90 30.73 -22.11
C GLY C 86 -6.92 31.83 -22.44
N GLN C 87 -6.37 32.52 -21.45
CA GLN C 87 -5.43 33.60 -21.69
C GLN C 87 -4.09 33.29 -21.03
N PRO C 88 -2.98 33.52 -21.72
CA PRO C 88 -1.66 33.24 -21.12
C PRO C 88 -1.29 34.24 -20.04
N GLY C 89 -0.11 34.07 -19.46
CA GLY C 89 0.38 34.95 -18.43
C GLY C 89 0.50 34.25 -17.07
N ASP C 90 1.15 34.95 -16.15
CA ASP C 90 1.41 34.44 -14.80
C ASP C 90 2.12 33.10 -14.85
N MET C 91 3.12 32.99 -15.73
CA MET C 91 3.85 31.74 -15.96
C MET C 91 5.25 31.88 -15.39
N ASN C 92 5.53 31.16 -14.31
CA ASN C 92 6.91 31.02 -13.83
C ASN C 92 7.08 29.67 -13.13
N CYS C 93 7.52 28.68 -13.90
CA CYS C 93 7.91 27.38 -13.39
C CYS C 93 9.24 27.00 -14.02
N THR C 94 10.00 26.16 -13.33
CA THR C 94 11.28 25.70 -13.85
C THR C 94 10.98 24.63 -14.89
N THR C 95 10.78 25.05 -16.13
CA THR C 95 10.36 24.16 -17.21
C THR C 95 11.55 23.91 -18.13
N GLN C 96 11.84 22.64 -18.40
CA GLN C 96 12.88 22.23 -19.32
C GLN C 96 12.23 21.45 -20.46
N ARG C 97 12.52 21.87 -21.69
CA ARG C 97 11.93 21.25 -22.88
C ARG C 97 12.95 20.31 -23.51
N ILE C 98 12.60 19.02 -23.57
CA ILE C 98 13.43 18.03 -24.24
C ILE C 98 12.52 17.07 -25.00
N ASN C 99 12.99 16.61 -26.14
CA ASN C 99 12.26 15.64 -26.95
C ASN C 99 13.21 14.63 -27.54
N TYR C 100 12.73 13.39 -27.68
CA TYR C 100 13.60 12.25 -27.91
C TYR C 100 12.78 11.14 -28.57
N THR C 101 13.47 10.08 -28.96
CA THR C 101 12.82 8.93 -29.57
C THR C 101 12.18 8.04 -28.51
N ASP C 102 11.00 7.51 -28.82
CA ASP C 102 10.29 6.63 -27.92
C ASP C 102 11.05 5.30 -27.81
N PRO C 103 11.44 4.88 -26.60
CA PRO C 103 12.12 3.57 -26.47
C PRO C 103 11.28 2.40 -26.95
N PHE C 104 9.95 2.47 -26.80
CA PHE C 104 9.11 1.36 -27.25
C PHE C 104 9.01 1.33 -28.76
N SER C 105 8.53 2.42 -29.37
CA SER C 105 8.43 2.55 -30.82
C SER C 105 9.48 3.57 -31.26
N ASN C 106 10.57 3.07 -31.84
CA ASN C 106 11.69 3.93 -32.21
C ASN C 106 11.35 4.92 -33.31
N GLN C 107 10.25 4.72 -34.03
CA GLN C 107 9.92 5.55 -35.17
C GLN C 107 9.32 6.90 -34.79
N THR C 108 8.86 7.05 -33.55
CA THR C 108 8.15 8.26 -33.13
C THR C 108 8.97 9.01 -32.09
N VAL C 109 9.04 10.33 -32.26
CA VAL C 109 9.68 11.22 -31.30
C VAL C 109 8.61 11.93 -30.49
N LYS C 110 8.81 11.99 -29.18
CA LYS C 110 7.83 12.57 -28.26
C LYS C 110 8.42 13.82 -27.62
N SER C 111 7.62 14.89 -27.59
CA SER C 111 8.04 16.15 -27.00
C SER C 111 7.62 16.18 -25.53
N ALA C 112 8.59 16.32 -24.65
CA ALA C 112 8.35 16.27 -23.22
C ALA C 112 8.62 17.64 -22.60
N LEU C 113 7.66 18.13 -21.83
CA LEU C 113 7.80 19.37 -21.06
C LEU C 113 7.88 18.99 -19.59
N ILE C 114 9.06 19.16 -18.99
CA ILE C 114 9.30 18.78 -17.60
C ILE C 114 9.14 20.01 -16.72
N VAL C 115 8.31 19.88 -15.70
CA VAL C 115 8.01 20.98 -14.78
C VAL C 115 8.38 20.54 -13.38
N GLN C 116 9.12 21.38 -12.66
CA GLN C 116 9.49 21.08 -11.29
C GLN C 116 8.24 20.98 -10.42
N GLY C 117 8.14 19.89 -9.65
CA GLY C 117 6.98 19.63 -8.85
C GLY C 117 7.06 20.27 -7.47
N PRO C 118 5.97 20.17 -6.71
CA PRO C 118 5.97 20.72 -5.35
C PRO C 118 6.86 19.90 -4.42
N ARG C 119 7.37 20.56 -3.38
CA ARG C 119 8.25 19.91 -2.43
C ARG C 119 7.88 20.11 -0.97
N GLU C 120 7.13 21.15 -0.63
CA GLU C 120 6.69 21.36 0.75
C GLU C 120 5.35 20.65 0.94
N VAL C 121 5.42 19.37 1.33
CA VAL C 121 4.20 18.60 1.56
C VAL C 121 3.48 19.12 2.81
N LYS C 122 4.24 19.55 3.82
CA LYS C 122 3.62 20.01 5.07
C LYS C 122 2.74 21.24 4.84
N LYS C 123 3.17 22.12 3.95
CA LYS C 123 2.42 23.32 3.63
C LYS C 123 1.37 23.09 2.54
N ARG C 124 1.22 21.85 2.08
CA ARG C 124 0.27 21.50 1.02
C ARG C 124 0.54 22.31 -0.25
N GLU C 125 1.81 22.44 -0.60
CA GLU C 125 2.18 23.13 -1.83
C GLU C 125 1.72 22.33 -3.04
N LEU C 126 1.25 23.05 -4.06
CA LEU C 126 0.74 22.40 -5.26
C LEU C 126 1.07 23.25 -6.47
N VAL C 127 1.11 22.61 -7.63
CA VAL C 127 1.44 23.27 -8.90
C VAL C 127 0.23 23.17 -9.81
N PHE C 128 -0.18 24.30 -10.36
CA PHE C 128 -1.35 24.41 -11.22
C PHE C 128 -0.92 24.71 -12.64
N LEU C 129 -1.39 23.91 -13.60
CA LEU C 129 -1.02 24.04 -14.99
C LEU C 129 -2.28 24.22 -15.84
N GLN C 130 -2.14 25.04 -16.90
CA GLN C 130 -3.22 25.27 -17.85
C GLN C 130 -2.70 25.07 -19.26
N PHE C 131 -3.52 24.44 -20.10
CA PHE C 131 -3.16 24.17 -21.49
C PHE C 131 -4.31 24.56 -22.40
N ARG C 132 -3.97 24.90 -23.64
CA ARG C 132 -4.95 25.33 -24.63
C ARG C 132 -4.67 24.62 -25.95
N LEU C 133 -5.74 24.35 -26.69
CA LEU C 133 -5.63 23.69 -27.99
C LEU C 133 -6.76 24.19 -28.87
N ASN C 134 -6.42 24.98 -29.89
CA ASN C 134 -7.45 25.53 -30.78
C ASN C 134 -8.09 24.43 -31.62
N LYS C 135 -7.30 23.78 -32.47
CA LYS C 135 -7.79 22.75 -33.37
C LYS C 135 -7.15 21.42 -33.02
N SER C 136 -7.98 20.38 -32.93
CA SER C 136 -7.50 19.05 -32.60
C SER C 136 -8.24 18.02 -33.45
N SER C 137 -7.50 17.05 -33.98
CA SER C 137 -8.06 15.95 -34.74
C SER C 137 -7.74 14.67 -33.99
N GLU C 138 -8.59 14.34 -33.01
CA GLU C 138 -8.39 13.16 -32.17
C GLU C 138 -9.69 12.84 -31.48
N ASP C 139 -9.92 11.53 -31.26
CA ASP C 139 -11.16 11.11 -30.61
C ASP C 139 -11.15 11.45 -29.12
N PHE C 140 -9.99 11.36 -28.48
CA PHE C 140 -9.86 11.60 -27.06
C PHE C 140 -8.87 12.73 -26.83
N SER C 141 -9.26 13.69 -25.98
CA SER C 141 -8.42 14.83 -25.66
C SER C 141 -7.75 14.56 -24.31
N ALA C 142 -6.44 14.32 -24.34
CA ALA C 142 -5.68 14.05 -23.12
C ALA C 142 -4.22 14.39 -23.37
N ILE C 143 -3.50 14.60 -22.27
CA ILE C 143 -2.07 14.86 -22.30
C ILE C 143 -1.38 13.84 -21.42
N ASP C 144 -0.39 13.14 -21.98
CA ASP C 144 0.38 12.17 -21.21
C ASP C 144 1.30 12.89 -20.22
N TYR C 145 1.54 12.24 -19.09
CA TYR C 145 2.51 12.76 -18.13
C TYR C 145 3.04 11.60 -17.30
N LEU C 146 4.32 11.65 -16.98
CA LEU C 146 4.94 10.68 -16.09
C LEU C 146 5.78 11.42 -15.06
N LEU C 147 5.95 10.78 -13.90
CA LEU C 147 6.65 11.38 -12.77
C LEU C 147 7.89 10.56 -12.45
N PHE C 148 9.03 11.24 -12.31
CA PHE C 148 10.25 10.59 -11.88
C PHE C 148 10.71 11.17 -10.54
N SER C 149 11.76 10.56 -9.99
CA SER C 149 12.09 10.77 -8.58
C SER C 149 12.46 12.21 -8.29
N SER C 150 13.40 12.78 -9.05
CA SER C 150 13.93 14.09 -8.73
C SER C 150 14.15 14.90 -10.00
N PHE C 151 13.77 16.18 -9.94
CA PHE C 151 14.04 17.09 -11.05
C PHE C 151 15.52 17.44 -11.12
N GLN C 152 16.18 17.56 -9.97
CA GLN C 152 17.60 17.92 -9.96
C GLN C 152 18.44 16.87 -10.65
N GLU C 153 18.11 15.59 -10.46
CA GLU C 153 18.87 14.52 -11.11
C GLU C 153 18.77 14.64 -12.62
N PHE C 154 17.58 14.91 -13.14
CA PHE C 154 17.44 15.12 -14.58
C PHE C 154 18.19 16.36 -15.04
N LEU C 155 18.15 17.43 -14.24
CA LEU C 155 18.77 18.68 -14.65
C LEU C 155 20.29 18.53 -14.81
N GLN C 156 20.92 17.80 -13.89
CA GLN C 156 22.37 17.62 -13.91
C GLN C 156 22.79 16.29 -14.53
N SER C 157 21.86 15.56 -15.15
CA SER C 157 22.20 14.28 -15.74
C SER C 157 23.13 14.47 -16.94
N PRO C 158 24.12 13.60 -17.13
CA PRO C 158 24.99 13.76 -18.30
C PRO C 158 24.32 13.35 -19.60
N ASN C 159 23.57 12.26 -19.59
CA ASN C 159 22.85 11.77 -20.78
C ASN C 159 21.37 12.01 -20.54
N ARG C 160 20.89 13.17 -21.01
CA ARG C 160 19.50 13.55 -20.79
C ARG C 160 18.54 12.60 -21.51
N VAL C 161 18.87 12.20 -22.74
CA VAL C 161 17.97 11.36 -23.53
C VAL C 161 17.77 10.00 -22.86
N GLY C 162 18.87 9.40 -22.42
CA GLY C 162 18.78 8.09 -21.79
C GLY C 162 18.00 8.12 -20.48
N PHE C 163 18.14 9.21 -19.73
CA PHE C 163 17.39 9.34 -18.48
C PHE C 163 15.89 9.36 -18.73
N MET C 164 15.46 10.09 -19.76
CA MET C 164 14.04 10.13 -20.09
C MET C 164 13.54 8.77 -20.57
N GLN C 165 14.36 8.03 -21.33
CA GLN C 165 13.96 6.69 -21.75
C GLN C 165 13.83 5.76 -20.55
N ALA C 166 14.75 5.87 -19.59
CA ALA C 166 14.63 5.08 -18.37
C ALA C 166 13.37 5.44 -17.60
N CYS C 167 13.03 6.73 -17.56
CA CYS C 167 11.79 7.15 -16.91
C CYS C 167 10.58 6.56 -17.62
N GLU C 168 10.61 6.55 -18.96
CA GLU C 168 9.53 5.91 -19.72
C GLU C 168 9.42 4.43 -19.37
N SER C 169 10.56 3.76 -19.16
CA SER C 169 10.52 2.37 -18.73
C SER C 169 9.86 2.22 -17.37
N ALA C 170 9.98 3.23 -16.50
CA ALA C 170 9.33 3.19 -15.21
C ALA C 170 7.82 3.30 -15.37
N TYR C 171 7.07 2.64 -14.47
CA TYR C 171 5.61 2.58 -14.54
C TYR C 171 4.88 3.67 -13.80
N SER C 172 5.03 4.89 -14.27
CA SER C 172 4.43 6.06 -13.63
C SER C 172 3.77 7.00 -14.64
N SER C 173 3.22 6.45 -15.72
CA SER C 173 2.58 7.25 -16.76
C SER C 173 1.07 7.24 -16.59
N TRP C 174 0.46 8.41 -16.76
CA TRP C 174 -0.99 8.55 -16.64
C TRP C 174 -1.45 9.58 -17.67
N LYS C 175 -2.72 9.95 -17.56
CA LYS C 175 -3.33 10.94 -18.43
C LYS C 175 -4.30 11.79 -17.61
N PHE C 176 -4.57 13.00 -18.09
CA PHE C 176 -5.64 13.83 -17.53
C PHE C 176 -6.50 14.35 -18.66
N SER C 177 -7.80 14.42 -18.41
CA SER C 177 -8.78 14.70 -19.45
C SER C 177 -8.78 16.18 -19.82
N GLY C 178 -9.52 16.49 -20.88
CA GLY C 178 -9.71 17.87 -21.31
C GLY C 178 -11.06 18.39 -20.85
N GLY C 179 -11.09 19.67 -20.50
CA GLY C 179 -12.28 20.24 -19.93
C GLY C 179 -12.52 19.89 -18.48
N PHE C 180 -11.55 19.26 -17.82
CA PHE C 180 -11.64 18.91 -16.41
C PHE C 180 -10.36 19.32 -15.71
N ARG C 181 -10.48 19.65 -14.43
CA ARG C 181 -9.32 19.92 -13.58
C ARG C 181 -9.11 18.71 -12.69
N THR C 182 -8.02 17.99 -12.92
CA THR C 182 -7.71 16.77 -12.19
C THR C 182 -6.68 17.07 -11.11
N TRP C 183 -7.05 16.79 -9.86
CA TRP C 183 -6.13 16.95 -8.74
C TRP C 183 -5.38 15.63 -8.55
N VAL C 184 -4.07 15.66 -8.77
CA VAL C 184 -3.24 14.47 -8.71
C VAL C 184 -2.50 14.48 -7.38
N LYS C 185 -2.80 13.52 -6.52
CA LYS C 185 -2.11 13.34 -5.25
C LYS C 185 -1.11 12.21 -5.42
N MET C 186 0.12 12.56 -5.75
CA MET C 186 1.15 11.57 -6.06
C MET C 186 1.82 11.07 -4.78
N SER C 187 2.12 9.77 -4.77
CA SER C 187 2.83 9.14 -3.67
C SER C 187 4.11 8.50 -4.20
N LEU C 188 5.17 8.57 -3.41
CA LEU C 188 6.48 8.09 -3.81
C LEU C 188 6.69 6.66 -3.31
N VAL C 189 7.10 5.78 -4.21
CA VAL C 189 7.41 4.39 -3.89
C VAL C 189 8.80 4.10 -4.41
N LYS C 190 9.74 3.80 -3.51
CA LYS C 190 11.11 3.46 -3.87
C LYS C 190 11.32 1.98 -3.68
N THR C 191 11.76 1.30 -4.74
CA THR C 191 12.11 -0.11 -4.68
C THR C 191 13.59 -0.26 -5.00
N LYS C 192 14.28 -1.05 -4.19
CA LYS C 192 15.71 -1.28 -4.35
C LYS C 192 15.93 -2.63 -5.00
N GLU C 193 16.54 -2.63 -6.18
CA GLU C 193 16.82 -3.87 -6.89
C GLU C 193 18.03 -4.57 -6.27
N GLU C 194 18.18 -5.84 -6.61
CA GLU C 194 19.31 -6.61 -6.08
C GLU C 194 20.63 -6.10 -6.61
N ASP C 195 20.65 -5.58 -7.84
CA ASP C 195 21.89 -5.05 -8.40
C ASP C 195 22.40 -3.83 -7.64
N GLY C 196 21.50 -3.07 -7.04
CA GLY C 196 21.90 -1.92 -6.25
C GLY C 196 21.13 -0.65 -6.57
N ARG C 197 20.65 -0.53 -7.80
CA ARG C 197 19.92 0.67 -8.19
C ARG C 197 18.55 0.70 -7.50
N GLU C 198 18.06 1.90 -7.28
CA GLU C 198 16.79 2.13 -6.58
C GLU C 198 15.79 2.68 -7.60
N ALA C 199 14.99 1.79 -8.17
CA ALA C 199 13.93 2.21 -9.08
C ALA C 199 12.84 2.95 -8.30
N VAL C 200 12.25 3.95 -8.93
CA VAL C 200 11.24 4.80 -8.31
C VAL C 200 10.00 4.80 -9.17
N GLU C 201 8.85 4.52 -8.54
CA GLU C 201 7.56 4.57 -9.20
C GLU C 201 6.58 5.34 -8.34
N PHE C 202 5.55 5.89 -8.98
CA PHE C 202 4.60 6.76 -8.31
C PHE C 202 3.22 6.12 -8.23
N ARG C 203 2.46 6.54 -7.21
CA ARG C 203 1.07 6.17 -7.06
C ARG C 203 0.26 7.45 -6.93
N GLN C 204 -0.89 7.50 -7.60
CA GLN C 204 -1.69 8.71 -7.67
C GLN C 204 -3.13 8.43 -7.27
N GLU C 205 -3.81 9.48 -6.82
CA GLU C 205 -5.23 9.43 -6.48
C GLU C 205 -5.88 10.66 -7.12
N THR C 206 -6.35 10.51 -8.35
CA THR C 206 -6.92 11.62 -9.08
C THR C 206 -8.28 12.02 -8.52
N SER C 207 -8.63 13.29 -8.72
CA SER C 207 -9.94 13.83 -8.35
C SER C 207 -10.41 14.68 -9.52
N VAL C 208 -11.15 14.07 -10.43
CA VAL C 208 -11.60 14.76 -11.64
C VAL C 208 -12.73 15.71 -11.28
N VAL C 209 -12.60 16.96 -11.70
CA VAL C 209 -13.57 18.01 -11.43
C VAL C 209 -13.97 18.66 -12.75
N ASN C 210 -15.27 18.73 -13.01
CA ASN C 210 -15.77 19.36 -14.22
C ASN C 210 -15.47 20.85 -14.21
N TYR C 211 -15.24 21.40 -15.41
CA TYR C 211 -14.94 22.81 -15.58
C TYR C 211 -16.09 23.47 -16.32
N ILE C 212 -16.67 24.50 -15.71
CA ILE C 212 -17.77 25.25 -16.29
C ILE C 212 -17.21 26.50 -16.95
N ASP C 213 -17.52 26.69 -18.24
CA ASP C 213 -16.97 27.79 -19.02
C ASP C 213 -18.09 28.76 -19.38
N GLN C 214 -17.91 30.03 -19.03
CA GLN C 214 -18.82 31.09 -19.41
C GLN C 214 -18.31 31.91 -20.58
N ARG C 215 -17.26 31.44 -21.25
CA ARG C 215 -16.67 32.17 -22.36
C ARG C 215 -17.62 32.19 -23.56
N PRO C 216 -17.46 33.16 -24.46
CA PRO C 216 -18.36 33.25 -25.61
C PRO C 216 -18.28 32.00 -26.49
N ALA C 217 -19.39 31.72 -27.17
CA ALA C 217 -19.49 30.51 -27.99
C ALA C 217 -18.47 30.48 -29.13
N ALA C 218 -17.91 31.63 -29.50
CA ALA C 218 -16.92 31.66 -30.56
C ALA C 218 -15.67 30.90 -30.16
N LYS C 219 -15.23 31.04 -28.90
CA LYS C 219 -14.02 30.40 -28.42
C LYS C 219 -14.27 29.01 -27.83
N LYS C 220 -15.51 28.52 -27.88
CA LYS C 220 -15.81 27.20 -27.31
C LYS C 220 -15.16 26.08 -28.10
N SER C 221 -14.71 26.33 -29.32
CA SER C 221 -14.05 25.28 -30.12
C SER C 221 -12.76 24.83 -29.45
N ALA C 222 -11.97 25.77 -28.94
CA ALA C 222 -10.75 25.42 -28.23
C ALA C 222 -11.10 24.78 -26.89
N GLN C 223 -10.28 23.81 -26.49
CA GLN C 223 -10.47 23.08 -25.23
C GLN C 223 -9.33 23.37 -24.28
N LEU C 224 -9.66 23.55 -23.01
CA LEU C 224 -8.71 23.95 -21.98
C LEU C 224 -8.43 22.76 -21.06
N PHE C 225 -7.15 22.53 -20.77
CA PHE C 225 -6.73 21.43 -19.92
C PHE C 225 -6.20 22.00 -18.61
N PHE C 226 -6.67 21.44 -17.50
CA PHE C 226 -6.23 21.84 -16.17
C PHE C 226 -5.76 20.62 -15.39
N VAL C 227 -4.68 20.80 -14.63
CA VAL C 227 -4.14 19.72 -13.81
C VAL C 227 -3.46 20.34 -12.59
N VAL C 228 -3.57 19.65 -11.46
CA VAL C 228 -2.96 20.07 -10.21
C VAL C 228 -2.18 18.90 -9.65
N PHE C 229 -0.93 19.14 -9.26
CA PHE C 229 -0.06 18.11 -8.70
C PHE C 229 0.26 18.46 -7.26
N GLU C 230 0.14 17.47 -6.38
CA GLU C 230 0.34 17.67 -4.95
C GLU C 230 0.77 16.35 -4.33
N TRP C 231 1.60 16.44 -3.29
CA TRP C 231 1.99 15.26 -2.53
C TRP C 231 0.86 14.86 -1.59
N LYS C 232 0.47 13.59 -1.64
CA LYS C 232 -0.63 13.13 -0.79
C LYS C 232 -0.24 13.12 0.68
N ASP C 233 0.90 12.52 1.00
CA ASP C 233 1.33 12.39 2.39
C ASP C 233 2.85 12.41 2.44
N PRO C 234 3.44 12.83 3.56
CA PRO C 234 4.90 12.87 3.65
C PRO C 234 5.56 11.49 3.65
N PHE C 235 4.81 10.43 3.94
CA PHE C 235 5.40 9.10 4.03
C PHE C 235 5.84 8.62 2.66
N ILE C 236 7.03 8.01 2.62
CA ILE C 236 7.60 7.45 1.40
C ILE C 236 7.68 5.95 1.57
N GLN C 237 7.01 5.22 0.67
CA GLN C 237 7.04 3.76 0.71
C GLN C 237 8.35 3.25 0.14
N LYS C 238 9.04 2.41 0.90
CA LYS C 238 10.30 1.83 0.49
C LYS C 238 10.17 0.32 0.43
N VAL C 239 10.57 -0.26 -0.70
CA VAL C 239 10.46 -1.70 -0.94
C VAL C 239 11.87 -2.26 -1.11
N GLN C 240 12.19 -3.28 -0.34
CA GLN C 240 13.51 -3.88 -0.36
C GLN C 240 13.40 -5.35 -0.04
N ASP C 241 14.47 -6.09 -0.35
CA ASP C 241 14.49 -7.52 -0.06
C ASP C 241 14.30 -7.74 1.44
N ILE C 242 13.52 -8.76 1.78
CA ILE C 242 13.11 -8.95 3.18
C ILE C 242 14.33 -9.21 4.06
N VAL C 243 15.32 -9.93 3.55
CA VAL C 243 16.53 -10.19 4.34
C VAL C 243 17.34 -8.91 4.49
N THR C 244 17.52 -8.17 3.40
CA THR C 244 18.37 -6.99 3.43
C THR C 244 17.69 -5.80 4.10
N ALA C 245 16.36 -5.70 4.00
CA ALA C 245 15.66 -4.54 4.55
C ALA C 245 15.84 -4.44 6.05
N ASN C 246 15.74 -5.56 6.76
CA ASN C 246 15.91 -5.59 8.21
C ASN C 246 16.97 -6.64 8.53
N PRO C 247 18.25 -6.29 8.40
CA PRO C 247 19.31 -7.27 8.65
C PRO C 247 19.36 -7.77 10.08
N TRP C 248 18.78 -7.03 11.02
CA TRP C 248 18.85 -7.43 12.42
C TRP C 248 18.17 -8.77 12.67
N ASN C 249 17.09 -9.05 11.94
CA ASN C 249 16.44 -10.35 12.08
C ASN C 249 17.38 -11.48 11.67
N THR C 250 18.06 -11.31 10.54
CA THR C 250 19.01 -12.33 10.09
C THR C 250 20.18 -12.47 11.06
N ILE C 251 20.65 -11.34 11.60
CA ILE C 251 21.74 -11.41 12.58
C ILE C 251 21.29 -12.16 13.83
N ALA C 252 20.08 -11.88 14.31
CA ALA C 252 19.57 -12.59 15.48
C ALA C 252 19.43 -14.08 15.20
N LEU C 253 18.91 -14.43 14.03
CA LEU C 253 18.76 -15.85 13.68
C LEU C 253 20.12 -16.54 13.61
N LEU C 254 21.13 -15.87 13.02
CA LEU C 254 22.45 -16.47 12.91
C LEU C 254 23.10 -16.63 14.27
N CYS C 255 22.95 -15.62 15.15
CA CYS C 255 23.48 -15.75 16.51
C CYS C 255 22.80 -16.89 17.25
N GLY C 256 21.48 -17.01 17.11
CA GLY C 256 20.78 -18.13 17.72
C GLY C 256 21.25 -19.47 17.20
N ALA C 257 21.49 -19.57 15.89
CA ALA C 257 21.98 -20.82 15.32
C ALA C 257 23.37 -21.17 15.84
N PHE C 258 24.26 -20.18 15.91
CA PHE C 258 25.60 -20.45 16.41
C PHE C 258 25.58 -20.84 17.88
N LEU C 259 24.76 -20.17 18.69
CA LEU C 259 24.65 -20.52 20.10
C LEU C 259 24.04 -21.91 20.26
N ALA C 260 23.08 -22.27 19.41
CA ALA C 260 22.53 -23.62 19.44
C ALA C 260 23.58 -24.66 19.08
N LEU C 261 24.43 -24.35 18.10
CA LEU C 261 25.52 -25.26 17.75
C LEU C 261 26.49 -25.42 18.92
N PHE C 262 26.83 -24.34 19.60
CA PHE C 262 27.73 -24.44 20.75
C PHE C 262 27.08 -25.23 21.88
N LYS C 263 25.78 -25.02 22.11
CA LYS C 263 25.08 -25.80 23.12
C LYS C 263 25.05 -27.28 22.76
N ALA C 264 24.90 -27.60 21.47
CA ALA C 264 24.97 -28.98 21.03
C ALA C 264 26.36 -29.56 21.25
N ALA C 265 27.39 -28.75 21.03
CA ALA C 265 28.75 -29.20 21.31
C ALA C 265 28.92 -29.53 22.79
N GLU C 266 28.43 -28.66 23.67
CA GLU C 266 28.50 -28.92 25.10
C GLU C 266 27.72 -30.18 25.48
N PHE C 267 26.54 -30.35 24.88
CA PHE C 267 25.74 -31.53 25.15
C PHE C 267 26.46 -32.80 24.71
N ALA C 268 27.11 -32.77 23.56
CA ALA C 268 27.89 -33.92 23.10
C ALA C 268 29.06 -34.20 24.03
N LYS C 269 29.74 -33.15 24.49
CA LYS C 269 30.87 -33.35 25.40
C LYS C 269 30.40 -33.98 26.71
N LEU C 270 29.23 -33.58 27.19
CA LEU C 270 28.70 -34.20 28.41
C LEU C 270 28.23 -35.63 28.15
N SER C 271 27.59 -35.86 27.00
CA SER C 271 27.00 -37.17 26.73
C SER C 271 28.05 -38.23 26.47
N ILE C 272 29.14 -37.86 25.81
CA ILE C 272 30.21 -38.83 25.57
C ILE C 272 30.84 -39.26 26.90
N LYS C 273 31.03 -38.31 27.82
CA LYS C 273 31.54 -38.65 29.14
C LYS C 273 30.55 -39.55 29.88
N TRP C 274 29.27 -39.22 29.80
CA TRP C 274 28.26 -40.02 30.50
C TRP C 274 28.23 -41.45 29.97
N MET C 275 28.25 -41.61 28.64
CA MET C 275 28.20 -42.96 28.07
C MET C 275 29.50 -43.73 28.31
N ILE C 276 30.64 -43.03 28.34
CA ILE C 276 31.90 -43.69 28.68
C ILE C 276 31.85 -44.20 30.11
N LYS C 277 31.34 -43.38 31.03
CA LYS C 277 31.21 -43.81 32.42
C LYS C 277 30.25 -44.99 32.54
N ILE C 278 29.14 -44.96 31.80
CA ILE C 278 28.17 -46.06 31.84
C ILE C 278 28.81 -47.34 31.32
N ARG C 279 29.56 -47.26 30.22
CA ARG C 279 30.22 -48.44 29.67
C ARG C 279 31.27 -48.98 30.64
N LYS C 280 32.04 -48.08 31.27
CA LYS C 280 33.04 -48.53 32.23
C LYS C 280 32.39 -49.22 33.43
N ARG C 281 31.28 -48.67 33.92
CA ARG C 281 30.58 -49.31 35.04
C ARG C 281 30.01 -50.66 34.63
N TYR C 282 29.42 -50.75 33.43
CA TYR C 282 28.88 -52.02 32.97
C TYR C 282 29.99 -53.01 32.63
N LEU C 283 31.05 -52.54 32.00
CA LEU C 283 32.16 -53.41 31.61
C LEU C 283 33.46 -52.61 31.50
C1 NAG D . -35.23 7.65 8.24
C2 NAG D . -34.62 7.44 9.64
C3 NAG D . -35.70 7.50 10.72
C4 NAG D . -36.46 8.81 10.59
C5 NAG D . -37.04 8.95 9.18
C6 NAG D . -37.73 10.30 9.03
C7 NAG D . -32.57 6.17 9.60
C8 NAG D . -31.92 4.84 9.84
N2 NAG D . -33.89 6.20 9.73
O3 NAG D . -35.09 7.43 12.01
O4 NAG D . -37.52 8.84 11.54
O5 NAG D . -36.01 8.84 8.19
O6 NAG D . -38.15 10.45 7.67
O7 NAG D . -31.93 7.16 9.31
C1 NAG E . -3.96 33.69 11.38
C2 NAG E . -2.52 34.14 11.66
C3 NAG E . -1.84 33.18 12.63
C4 NAG E . -2.68 33.08 13.90
C5 NAG E . -4.13 32.72 13.55
C6 NAG E . -4.99 32.68 14.81
C7 NAG E . -1.63 35.37 9.77
C8 NAG E . -1.41 36.59 10.61
N2 NAG E . -1.75 34.22 10.43
O3 NAG E . -0.55 33.66 12.95
O4 NAG E . -2.14 32.07 14.76
O5 NAG E . -4.67 33.67 12.62
O6 NAG E . -4.37 31.85 15.78
O7 NAG E . -1.70 35.43 8.55
C1 NAG F . -33.26 26.47 -6.17
C2 NAG F . -33.82 27.20 -4.95
C3 NAG F . -35.03 26.47 -4.39
C4 NAG F . -36.06 26.26 -5.49
C5 NAG F . -35.41 25.52 -6.66
C6 NAG F . -36.41 25.31 -7.78
C7 NAG F . -31.88 26.44 -3.68
C8 NAG F . -30.45 26.89 -3.84
N2 NAG F . -32.81 27.36 -3.92
O3 NAG F . -35.61 27.26 -3.34
O4 NAG F . -37.15 25.48 -4.98
O5 NAG F . -34.29 26.26 -7.14
O6 NAG F . -37.61 24.73 -7.27
O7 NAG F . -32.16 25.30 -3.36
C1 NAG G . -22.23 29.15 10.06
C2 NAG G . -22.22 29.84 11.43
C3 NAG G . -22.21 31.35 11.27
C4 NAG G . -23.44 31.78 10.48
C5 NAG G . -23.57 30.95 9.21
C6 NAG G . -23.75 31.85 7.99
C7 NAG G . -23.53 28.16 12.58
C8 NAG G . -24.86 27.54 12.31
N2 NAG G . -23.39 29.42 12.18
O3 NAG G . -21.03 31.76 10.59
O4 NAG G . -24.62 31.62 11.29
O5 NAG G . -22.43 30.13 9.02
O6 NAG G . -23.95 31.05 6.83
O7 NAG G . -22.64 27.54 13.14
O1 PIO H . 15.35 3.88 12.71
P1 PIO H . 16.44 3.47 11.80
O11 PIO H . 16.89 4.51 10.72
O12 PIO H . 16.28 2.26 10.97
O13 PIO H . 17.79 3.27 12.62
C1A PIO H . 19.12 3.40 15.24
O1A PIO H . 19.31 4.25 14.41
C1B PIO H . 17.90 -1.45 16.20
O1B PIO H . 17.30 -2.24 15.53
C1C PIO H . 18.34 1.96 12.77
C2A PIO H . 18.77 3.68 16.67
C2B PIO H . 18.37 -1.69 17.60
C2C PIO H . 18.12 1.52 14.19
O2C PIO H . 19.19 2.09 14.99
C3A PIO H . 18.97 2.49 17.59
C3B PIO H . 18.83 -3.11 17.83
C3C PIO H . 18.16 0.02 14.36
O3C PIO H . 18.24 -0.23 15.77
C4A PIO H . 18.72 2.84 19.04
C4B PIO H . 20.31 -3.20 18.16
C5A PIO H . 19.98 2.90 19.88
C5B PIO H . 20.60 -3.58 19.59
C6A PIO H . 20.37 1.58 20.51
C6B PIO H . 21.85 -4.43 19.76
C7A PIO H . 20.93 1.69 21.91
C7B PIO H . 22.21 -4.69 21.20
C8A PIO H . 21.34 0.35 22.47
C8B PIO H . 22.28 -3.44 22.03
C1 NAG I . -7.76 -12.13 -34.07
C2 NAG I . -7.37 -13.43 -33.36
C3 NAG I . -7.34 -14.59 -34.33
C4 NAG I . -8.68 -14.68 -35.05
C5 NAG I . -9.00 -13.37 -35.73
C6 NAG I . -10.37 -13.42 -36.37
C7 NAG I . -6.04 -13.06 -31.37
C8 NAG I . -4.67 -13.09 -30.75
N2 NAG I . -6.09 -13.32 -32.68
O3 NAG I . -7.09 -15.81 -33.62
O4 NAG I . -8.62 -15.73 -36.02
O5 NAG I . -8.98 -12.28 -34.80
O6 NAG I . -10.70 -12.13 -36.90
O7 NAG I . -7.04 -12.83 -30.72
C1 NAG J . -32.22 -15.49 -1.56
C2 NAG J . -32.58 -15.69 -0.09
C3 NAG J . -31.49 -16.49 0.62
C4 NAG J . -31.26 -17.80 -0.11
C5 NAG J . -31.00 -17.54 -1.59
C6 NAG J . -30.85 -18.86 -2.35
C7 NAG J . -34.00 -13.88 0.69
C8 NAG J . -35.10 -14.84 1.04
N2 NAG J . -32.78 -14.42 0.58
O3 NAG J . -31.88 -16.74 1.96
O4 NAG J . -30.14 -18.48 0.46
O5 NAG J . -32.07 -16.77 -2.17
O6 NAG J . -29.88 -19.67 -1.69
O7 NAG J . -34.20 -12.70 0.52
C1 NAG K . -28.09 0.15 -32.50
C2 NAG K . -28.68 -1.20 -32.93
C3 NAG K . -27.93 -1.78 -34.12
C4 NAG K . -27.88 -0.76 -35.24
C5 NAG K . -27.27 0.54 -34.73
C6 NAG K . -27.23 1.59 -35.82
C7 NAG K . -27.70 -2.20 -30.92
C8 NAG K . -28.13 -1.98 -29.50
N2 NAG K . -28.68 -2.14 -31.83
O3 NAG K . -28.60 -2.96 -34.58
O4 NAG K . -27.08 -1.26 -36.32
O5 NAG K . -28.02 1.04 -33.62
O6 NAG K . -26.63 1.05 -37.00
O7 NAG K . -26.55 -2.41 -31.22
C1 NAG L . -28.46 -15.26 -20.05
C2 NAG L . -28.98 -16.69 -19.90
C3 NAG L . -30.49 -16.71 -19.85
C4 NAG L . -31.06 -16.08 -21.11
C5 NAG L . -30.39 -14.74 -21.39
C6 NAG L . -31.43 -13.66 -21.64
C7 NAG L . -27.21 -17.76 -21.19
C8 NAG L . -26.67 -17.53 -22.57
N2 NAG L . -28.50 -17.49 -21.02
O3 NAG L . -30.95 -15.98 -18.71
O4 NAG L . -30.84 -16.97 -22.23
O5 NAG L . -29.56 -14.37 -20.30
O6 NAG L . -30.78 -12.43 -21.96
O7 NAG L . -26.52 -18.16 -20.27
O1 PIO M . -1.85 -11.68 16.50
P1 PIO M . -1.51 -10.64 17.49
O11 PIO M . -2.66 -9.65 17.90
O12 PIO M . -0.41 -9.69 17.21
O13 PIO M . -1.18 -11.31 18.90
C1A PIO M . -0.95 -13.80 20.45
O1A PIO M . -1.88 -13.05 20.61
C1B PIO M . 3.94 -14.28 19.10
O1B PIO M . 4.63 -13.59 18.42
C1C PIO M . 0.17 -11.26 19.41
C2A PIO M . -1.06 -15.27 20.22
C2B PIO M . 4.37 -15.61 19.67
C2C PIO M . 0.76 -12.62 19.28
O2C PIO M . 0.33 -13.39 20.44
C3A PIO M . 0.24 -16.03 20.45
C3B PIO M . 5.82 -15.63 20.10
C3C PIO M . 2.27 -12.61 19.28
O3C PIO M . 2.70 -13.98 19.46
C4A PIO M . 0.06 -17.53 20.34
C4B PIO M . 5.98 -15.81 21.59
C5A PIO M . 0.13 -18.26 21.67
C5B PIO M . 6.55 -17.17 21.98
C6A PIO M . 1.53 -18.69 22.05
C6B PIO M . 7.45 -17.13 23.20
C7A PIO M . 1.60 -20.04 22.73
C7B PIO M . 7.89 -18.49 23.68
C8A PIO M . 3.02 -20.40 23.13
C8B PIO M . 6.75 -19.45 23.87
C1 NAG N . 7.75 34.43 -11.06
C2 NAG N . 9.14 33.91 -10.67
C3 NAG N . 10.18 35.01 -10.78
C4 NAG N . 10.14 35.61 -12.17
C5 NAG N . 8.74 36.10 -12.49
C6 NAG N . 8.69 36.63 -13.92
C7 NAG N . 9.05 32.02 -9.17
C8 NAG N . 9.19 31.53 -7.76
N2 NAG N . 9.14 33.34 -9.34
O3 NAG N . 11.48 34.47 -10.52
O4 NAG N . 11.07 36.70 -12.24
O5 NAG N . 7.77 35.06 -12.35
O6 NAG N . 7.33 36.98 -14.23
O7 NAG N . 8.87 31.25 -10.11
C1 NAG O . 14.15 0.51 -32.86
C2 NAG O . 14.51 -0.96 -33.10
C3 NAG O . 15.41 -1.47 -31.99
C4 NAG O . 16.64 -0.57 -31.89
C5 NAG O . 16.22 0.88 -31.74
C6 NAG O . 17.44 1.81 -31.70
C7 NAG O . 12.77 -2.05 -34.38
C8 NAG O . 13.71 -2.38 -35.49
N2 NAG O . 13.32 -1.77 -33.21
O3 NAG O . 15.82 -2.81 -32.28
O4 NAG O . 17.43 -0.96 -30.76
O5 NAG O . 15.37 1.28 -32.82
O6 NAG O . 18.37 1.33 -30.71
O7 NAG O . 11.56 -2.04 -34.55
C1 NAG P . -4.90 29.68 -30.65
C2 NAG P . -3.63 30.21 -31.34
C3 NAG P . -3.17 31.52 -30.71
C4 NAG P . -4.32 32.52 -30.71
C5 NAG P . -5.53 31.91 -30.01
C6 NAG P . -6.71 32.88 -30.02
C7 NAG P . -2.38 28.43 -30.24
C8 NAG P . -2.44 26.96 -30.55
N2 NAG P . -2.57 29.23 -31.29
O3 NAG P . -2.08 32.05 -31.47
O4 NAG P . -3.92 33.71 -30.03
O5 NAG P . -5.91 30.69 -30.65
O6 NAG P . -6.28 34.16 -29.54
O7 NAG P . -2.16 28.85 -29.12
C1 NAG Q . 11.85 19.11 -30.64
C2 NAG Q . 13.27 19.09 -31.21
C3 NAG Q . 13.25 18.91 -32.72
C4 NAG Q . 12.46 20.03 -33.36
C5 NAG Q . 11.12 20.21 -32.66
C6 NAG Q . 9.98 20.23 -33.67
C7 NAG Q . 14.23 20.63 -29.61
C8 NAG Q . 13.86 22.02 -29.17
N2 NAG Q . 13.94 20.32 -30.87
O3 NAG Q . 12.65 17.65 -33.04
O4 NAG Q . 13.20 21.26 -33.27
O5 NAG Q . 10.90 19.15 -31.72
O6 NAG Q . 8.74 20.47 -33.00
O7 NAG Q . 14.75 19.83 -28.85
O1 PIO R . 13.48 -15.14 -0.96
P1 PIO R . 12.58 -16.21 -0.50
O11 PIO R . 11.61 -16.83 -1.56
O12 PIO R . 11.64 -15.94 0.61
O13 PIO R . 13.43 -17.50 -0.08
C1A PIO R . 16.09 -18.72 0.17
O1A PIO R . 15.34 -19.06 -0.71
C1B PIO R . 16.57 -16.91 4.91
O1B PIO R . 15.82 -16.25 5.56
C1C PIO R . 13.48 -17.89 1.30
C2A PIO R . 17.52 -18.34 -0.03
C2B PIO R . 17.96 -17.29 5.32
C2C PIO R . 14.83 -17.56 1.83
O2C PIO R . 15.73 -18.66 1.45
C3A PIO R . 18.34 -18.37 1.25
C3B PIO R . 18.09 -17.58 6.80
C3C PIO R . 14.88 -17.42 3.32
O3C PIO R . 16.27 -17.41 3.71
C4A PIO R . 19.81 -18.11 1.00
C4B PIO R . 18.45 -19.02 7.09
C5A PIO R . 20.69 -19.32 1.16
C5B PIO R . 19.85 -19.20 7.62
C6A PIO R . 21.21 -19.54 2.56
C6B PIO R . 19.99 -20.34 8.62
C7A PIO R . 22.63 -20.04 2.64
C7B PIO R . 21.41 -20.61 9.04
C8A PIO R . 23.09 -20.27 4.07
C8B PIO R . 22.35 -20.78 7.88
#